data_5XWR
#
_entry.id   5XWR
#
_cell.length_a   73.840
_cell.length_b   59.860
_cell.length_c   101.529
_cell.angle_alpha   90.00
_cell.angle_beta   93.70
_cell.angle_gamma   90.00
#
_symmetry.space_group_name_H-M   'P 1 21 1'
#
loop_
_entity.id
_entity.type
_entity.pdbx_description
1 polymer 'Histone-binding protein RBBP4'
2 polymer MET-SER-ARG-ARG-LYS-GLN-ALA-LYS-PRO-GLN-HIS-ILE
3 water water
#
loop_
_entity_poly.entity_id
_entity_poly.type
_entity_poly.pdbx_seq_one_letter_code
_entity_poly.pdbx_strand_id
1 'polypeptide(L)'
;HHHHHHHHHHLEVLFQGPMADKEAAFDDAVEERVINEEYKIWKKNTPFLYDLVMTHALEWPSLTAQWLPDVTRPEGKDFS
IHRLVLGTHTSDEQNHLVIASVQLPNDDAQFDASHYDSEKGEFGGFGSVSGKIEIEIKINHEGEVNRARYMPQNPCIIAT
KTPSSDVLVFDYTKHPSKPDPSGECNPDLRLRGHQKEGYGLSWNPNLSGHLLSASDDHTICLWDISAVPKEGKVVDAKTI
FTGHTAVVEDVSWHLLHESLFGSVADDQKLMIWDTRSNNTSKPSHSVDAHTAEVNCLSFNPYSEFILATGSADKTVALWD
LRNLKLKLHSFESHKDEIFQVQWSPHNETILASSGTDRRLNVWDLSKIGEEQSPEDAEDGPPELLFIHGGHTAKISDFSW
NPNEPWVICSVSEDNIMQVWQMAENIYNDEDPEGSVDPEGQGS
;
A,B
2 'polypeptide(L)' MSRRKQAKPQHI C,D
#
# COMPACT_ATOMS: atom_id res chain seq x y z
N GLU A 31 11.39 -25.31 16.36
CA GLU A 31 10.02 -25.36 16.86
C GLU A 31 9.95 -24.91 18.31
N GLU A 32 8.84 -24.26 18.66
CA GLU A 32 8.60 -23.71 19.98
C GLU A 32 8.76 -24.72 21.12
N ARG A 33 9.31 -25.89 20.80
CA ARG A 33 9.52 -26.92 21.81
C ARG A 33 10.75 -26.58 22.64
N VAL A 34 11.92 -26.66 22.01
CA VAL A 34 13.18 -26.36 22.66
C VAL A 34 13.28 -24.87 22.97
N ILE A 35 12.73 -24.05 22.08
CA ILE A 35 12.75 -22.61 22.26
C ILE A 35 12.07 -22.21 23.55
N ASN A 36 11.08 -23.00 23.97
CA ASN A 36 10.32 -22.71 25.18
C ASN A 36 11.12 -23.12 26.41
N GLU A 37 11.86 -24.22 26.29
CA GLU A 37 12.69 -24.69 27.38
C GLU A 37 13.64 -23.58 27.78
N GLU A 38 14.27 -22.99 26.77
CA GLU A 38 15.20 -21.89 26.98
C GLU A 38 14.56 -20.60 27.51
N TYR A 39 13.28 -20.41 27.26
CA TYR A 39 12.66 -19.19 27.75
C TYR A 39 12.39 -19.37 29.23
N LYS A 40 12.00 -20.58 29.60
CA LYS A 40 11.74 -20.96 30.99
C LYS A 40 13.00 -20.73 31.82
N ILE A 41 14.12 -21.07 31.21
CA ILE A 41 15.43 -20.90 31.82
C ILE A 41 15.86 -19.43 31.81
N TRP A 42 15.75 -18.79 30.65
CA TRP A 42 16.09 -17.37 30.54
C TRP A 42 15.34 -16.54 31.59
N LYS A 43 14.02 -16.70 31.63
CA LYS A 43 13.17 -15.96 32.56
C LYS A 43 13.64 -16.07 34.02
N LYS A 44 13.97 -17.28 34.46
CA LYS A 44 14.37 -17.52 35.85
C LYS A 44 15.71 -16.88 36.16
N ASN A 45 16.43 -16.48 35.11
CA ASN A 45 17.80 -15.99 35.25
C ASN A 45 17.94 -14.48 35.14
N THR A 46 16.87 -13.81 34.70
CA THR A 46 16.92 -12.37 34.42
C THR A 46 17.32 -11.42 35.55
N PRO A 47 17.03 -11.75 36.84
CA PRO A 47 17.35 -10.75 37.87
C PRO A 47 18.80 -10.24 37.95
N PHE A 48 19.78 -11.08 37.68
CA PHE A 48 21.12 -10.54 37.70
C PHE A 48 21.84 -10.81 36.40
N LEU A 49 21.06 -10.71 35.35
CA LEU A 49 21.57 -10.64 34.00
C LEU A 49 21.16 -9.22 33.55
N TYR A 50 20.11 -8.70 34.18
CA TYR A 50 19.52 -7.41 33.80
C TYR A 50 19.31 -6.46 35.00
N ASP A 51 19.36 -5.17 34.72
CA ASP A 51 18.97 -4.09 35.63
C ASP A 51 17.51 -3.65 35.36
N LEU A 52 16.93 -4.17 34.28
CA LEU A 52 15.57 -3.79 33.89
C LEU A 52 14.98 -4.65 32.78
N VAL A 53 13.94 -5.42 33.06
CA VAL A 53 13.17 -6.00 31.97
C VAL A 53 11.73 -5.59 32.05
N MET A 54 11.27 -4.93 30.98
CA MET A 54 9.88 -4.56 30.82
C MET A 54 9.38 -5.29 29.60
N THR A 55 8.16 -5.86 29.68
CA THR A 55 7.55 -6.48 28.51
C THR A 55 6.16 -5.92 28.27
N HIS A 56 5.77 -5.85 27.00
CA HIS A 56 4.46 -5.35 26.64
C HIS A 56 4.01 -6.01 25.33
N ALA A 57 2.78 -6.50 25.30
CA ALA A 57 2.24 -7.15 24.13
C ALA A 57 1.42 -6.16 23.34
N LEU A 58 1.79 -5.97 22.07
CA LEU A 58 1.12 -5.00 21.23
C LEU A 58 -0.11 -5.58 20.54
N GLU A 59 -1.12 -4.74 20.27
CA GLU A 59 -2.37 -5.21 19.68
C GLU A 59 -2.06 -5.84 18.31
N TRP A 60 -0.99 -5.36 17.67
CA TRP A 60 -0.45 -5.97 16.46
C TRP A 60 1.06 -5.96 16.49
N PRO A 61 1.71 -6.88 15.73
CA PRO A 61 3.18 -6.83 15.74
C PRO A 61 3.76 -5.61 15.03
N SER A 62 4.85 -5.11 15.61
CA SER A 62 5.61 -4.02 15.00
C SER A 62 6.78 -4.59 14.22
N LEU A 63 6.98 -4.06 13.00
CA LEU A 63 8.15 -4.40 12.20
C LEU A 63 9.30 -3.44 12.49
N THR A 64 8.97 -2.32 13.14
CA THR A 64 9.91 -1.22 13.25
C THR A 64 9.96 -0.69 14.69
N ALA A 65 11.12 -0.17 15.07
CA ALA A 65 11.31 0.37 16.42
C ALA A 65 12.44 1.39 16.48
N GLN A 66 12.13 2.59 16.97
CA GLN A 66 13.15 3.64 17.15
C GLN A 66 12.70 4.60 18.23
N TRP A 67 13.57 4.80 19.22
CA TRP A 67 13.31 5.80 20.26
C TRP A 67 13.33 7.21 19.69
N LEU A 68 12.47 8.07 20.21
CA LEU A 68 12.63 9.49 19.89
C LEU A 68 13.64 10.03 20.88
N PRO A 69 14.44 11.02 20.46
CA PRO A 69 15.58 11.53 21.25
C PRO A 69 15.16 12.23 22.54
N ASP A 70 13.95 12.77 22.56
CA ASP A 70 13.53 13.65 23.63
C ASP A 70 12.96 12.90 24.84
N VAL A 71 13.55 13.16 26.02
CA VAL A 71 13.07 12.61 27.29
C VAL A 71 12.35 13.70 28.10
N THR A 72 11.27 13.33 28.77
CA THR A 72 10.54 14.24 29.64
C THR A 72 10.64 13.73 31.09
N ARG A 73 10.99 14.61 32.03
CA ARG A 73 11.20 14.18 33.43
C ARG A 73 10.58 15.11 34.47
N PRO A 74 9.32 14.82 34.86
CA PRO A 74 8.60 15.53 35.92
C PRO A 74 9.41 15.56 37.23
N GLU A 75 9.41 16.71 37.91
CA GLU A 75 10.26 16.92 39.10
C GLU A 75 9.85 16.07 40.29
N GLY A 76 8.55 15.84 40.44
CA GLY A 76 8.01 15.12 41.60
C GLY A 76 8.38 13.64 41.58
N LYS A 77 7.99 12.95 40.51
CA LYS A 77 8.17 11.50 40.40
C LYS A 77 9.64 11.05 40.24
N ASP A 78 9.87 9.75 40.44
CA ASP A 78 11.22 9.17 40.37
C ASP A 78 11.42 8.34 39.11
N PHE A 79 10.80 8.78 38.02
CA PHE A 79 10.95 8.15 36.71
C PHE A 79 10.89 9.24 35.65
N SER A 80 11.33 8.91 34.43
CA SER A 80 11.26 9.86 33.32
C SER A 80 10.64 9.22 32.08
N ILE A 81 10.08 10.06 31.21
CA ILE A 81 9.29 9.57 30.08
C ILE A 81 10.00 9.69 28.73
N HIS A 82 10.13 8.54 28.07
CA HIS A 82 10.72 8.45 26.73
C HIS A 82 9.64 8.01 25.78
N ARG A 83 9.91 8.15 24.49
CA ARG A 83 8.94 7.71 23.51
C ARG A 83 9.61 7.01 22.35
N LEU A 84 8.88 6.04 21.83
CA LEU A 84 9.28 5.21 20.71
C LEU A 84 8.47 5.53 19.49
N VAL A 85 9.02 5.19 18.34
CA VAL A 85 8.25 5.20 17.14
C VAL A 85 8.05 3.75 16.70
N LEU A 86 6.81 3.28 16.78
CA LEU A 86 6.48 1.91 16.42
C LEU A 86 5.46 1.93 15.27
N GLY A 87 5.15 0.76 14.71
CA GLY A 87 4.14 0.67 13.67
C GLY A 87 3.32 -0.60 13.78
N THR A 88 2.37 -0.81 12.87
CA THR A 88 1.66 -2.08 12.92
C THR A 88 1.93 -2.91 11.68
N HIS A 89 1.69 -4.21 11.84
CA HIS A 89 1.70 -5.17 10.75
C HIS A 89 0.61 -6.19 10.99
N THR A 90 -0.54 -5.93 10.37
CA THR A 90 -1.78 -6.64 10.64
C THR A 90 -1.99 -7.77 9.62
N SER A 91 -3.03 -8.57 9.83
CA SER A 91 -3.36 -9.64 8.90
C SER A 91 -4.17 -8.98 7.79
N ASP A 92 -5.00 -8.02 8.18
CA ASP A 92 -5.83 -7.23 7.29
C ASP A 92 -6.10 -5.95 8.06
N GLU A 93 -7.36 -5.69 8.40
CA GLU A 93 -7.75 -4.52 9.18
C GLU A 93 -7.15 -3.17 8.73
N GLN A 94 -6.86 -2.33 9.70
CA GLN A 94 -6.28 -1.01 9.45
C GLN A 94 -4.88 -1.00 10.06
N ASN A 95 -3.99 -0.20 9.49
CA ASN A 95 -2.62 -0.13 9.95
C ASN A 95 -2.38 1.27 10.47
N HIS A 96 -1.48 1.42 11.44
CA HIS A 96 -1.20 2.74 12.00
C HIS A 96 0.27 2.95 12.30
N LEU A 97 0.69 4.20 12.16
CA LEU A 97 1.93 4.70 12.75
C LEU A 97 1.69 5.00 14.23
N VAL A 98 2.57 4.50 15.10
CA VAL A 98 2.36 4.55 16.55
C VAL A 98 3.49 5.30 17.28
N ILE A 99 3.15 6.15 18.24
CA ILE A 99 4.14 6.67 19.19
C ILE A 99 3.77 6.17 20.60
N ALA A 100 4.71 5.54 21.30
CA ALA A 100 4.45 4.98 22.62
C ALA A 100 5.30 5.64 23.72
N SER A 101 4.74 5.77 24.92
CA SER A 101 5.50 6.30 26.05
C SER A 101 5.94 5.23 27.04
N VAL A 102 7.16 5.38 27.55
CA VAL A 102 7.77 4.39 28.42
C VAL A 102 8.21 5.09 29.70
N GLN A 103 7.86 4.54 30.85
CA GLN A 103 8.35 5.13 32.09
C GLN A 103 9.67 4.43 32.41
N LEU A 104 10.75 5.20 32.37
CA LEU A 104 12.06 4.66 32.69
C LEU A 104 12.55 5.28 33.97
N PRO A 105 13.03 4.44 34.90
CA PRO A 105 13.54 4.92 36.18
C PRO A 105 14.65 5.95 35.99
N ASN A 106 14.85 6.82 36.97
CA ASN A 106 15.99 7.73 36.92
C ASN A 106 17.10 7.15 37.80
N ASP A 107 17.00 7.29 39.12
CA ASP A 107 18.00 6.80 40.05
C ASP A 107 17.41 6.48 41.42
N ASP A 108 16.54 5.48 41.45
CA ASP A 108 15.99 4.98 42.70
C ASP A 108 16.66 3.65 43.03
N ALA A 109 15.86 2.63 43.29
CA ALA A 109 16.37 1.27 43.47
C ALA A 109 15.28 0.25 43.16
N GLN A 110 14.24 0.22 43.99
CA GLN A 110 13.11 -0.68 43.81
C GLN A 110 13.53 -2.08 43.35
N PHE A 111 12.75 -2.65 42.44
CA PHE A 111 13.03 -3.98 41.91
C PHE A 111 13.08 -3.95 40.39
N ASP A 112 13.17 -2.74 39.84
CA ASP A 112 13.24 -2.54 38.40
C ASP A 112 12.14 -3.31 37.63
N ALA A 113 12.53 -3.94 36.53
CA ALA A 113 11.61 -4.69 35.70
C ALA A 113 11.12 -5.97 36.38
N SER A 114 9.81 -6.08 36.52
CA SER A 114 9.19 -7.25 37.15
C SER A 114 7.72 -7.33 36.78
N VAL A 129 4.55 1.31 40.38
CA VAL A 129 5.83 0.89 40.96
C VAL A 129 6.62 0.00 39.99
N SER A 130 6.00 -0.33 38.87
CA SER A 130 6.61 -1.21 37.87
C SER A 130 6.80 -0.52 36.52
N GLY A 131 6.48 0.77 36.46
CA GLY A 131 6.73 1.62 35.28
C GLY A 131 5.87 1.23 34.08
N LYS A 132 5.28 2.20 33.40
CA LYS A 132 4.24 1.85 32.44
C LYS A 132 4.57 2.14 30.98
N ILE A 133 3.96 1.37 30.09
CA ILE A 133 4.09 1.58 28.65
C ILE A 133 2.71 1.78 28.00
N GLU A 134 2.49 2.94 27.39
CA GLU A 134 1.21 3.19 26.74
C GLU A 134 1.34 3.71 25.32
N ILE A 135 0.21 3.66 24.60
CA ILE A 135 0.19 4.19 23.26
C ILE A 135 -0.22 5.63 23.42
N GLU A 136 0.58 6.51 22.83
CA GLU A 136 0.30 7.93 22.91
C GLU A 136 -0.47 8.44 21.70
N ILE A 137 -0.18 7.88 20.52
CA ILE A 137 -0.88 8.27 19.30
C ILE A 137 -0.75 7.25 18.17
N LYS A 138 -1.89 7.00 17.50
CA LYS A 138 -1.98 6.24 16.26
C LYS A 138 -2.32 7.14 15.07
N ILE A 139 -1.65 6.95 13.94
CA ILE A 139 -1.97 7.69 12.73
C ILE A 139 -2.25 6.69 11.61
N ASN A 140 -3.42 6.82 10.97
CA ASN A 140 -3.84 5.87 9.95
C ASN A 140 -2.75 5.72 8.89
N HIS A 141 -2.50 4.48 8.49
CA HIS A 141 -1.41 4.18 7.60
C HIS A 141 -1.87 3.23 6.51
N GLU A 142 -1.50 3.55 5.28
CA GLU A 142 -1.76 2.73 4.10
C GLU A 142 -0.90 1.45 4.06
N GLY A 143 -1.35 0.40 4.74
CA GLY A 143 -0.66 -0.88 4.74
C GLY A 143 0.36 -0.93 5.86
N GLU A 144 1.02 -2.06 6.06
CA GLU A 144 1.92 -2.21 7.20
C GLU A 144 3.09 -1.22 7.16
N VAL A 145 3.60 -0.85 8.34
CA VAL A 145 4.76 0.02 8.37
C VAL A 145 6.00 -0.81 8.25
N ASN A 146 6.64 -0.71 7.09
CA ASN A 146 7.85 -1.47 6.84
C ASN A 146 9.00 -0.98 7.71
N ARG A 147 8.96 0.31 8.01
CA ARG A 147 9.94 1.01 8.84
C ARG A 147 9.46 2.44 9.15
N ALA A 148 9.76 2.91 10.35
CA ALA A 148 9.51 4.31 10.71
C ALA A 148 10.80 4.93 11.27
N ARG A 149 11.18 6.10 10.74
CA ARG A 149 12.37 6.81 11.20
C ARG A 149 12.09 8.31 11.32
N TYR A 150 12.35 8.90 12.50
CA TYR A 150 12.21 10.35 12.68
C TYR A 150 13.43 11.09 12.12
N MET A 151 13.23 12.38 11.82
CA MET A 151 14.28 13.27 11.29
C MET A 151 15.11 13.84 12.44
N PRO A 152 16.45 13.67 12.37
CA PRO A 152 17.36 14.11 13.43
C PRO A 152 17.23 15.60 13.74
N GLN A 153 17.03 16.43 12.71
CA GLN A 153 16.90 17.87 12.90
C GLN A 153 15.50 18.29 13.37
N ASN A 154 14.48 17.47 13.12
CA ASN A 154 13.14 17.82 13.59
C ASN A 154 12.40 16.53 13.90
N PRO A 155 12.48 16.09 15.17
CA PRO A 155 12.07 14.75 15.61
C PRO A 155 10.57 14.53 15.58
N CYS A 156 9.82 15.58 15.23
CA CYS A 156 8.37 15.43 15.00
C CYS A 156 8.08 14.83 13.64
N ILE A 157 8.93 15.16 12.66
CA ILE A 157 8.79 14.63 11.30
C ILE A 157 9.24 13.18 11.27
N ILE A 158 8.36 12.31 10.81
CA ILE A 158 8.59 10.88 10.79
C ILE A 158 8.31 10.32 9.39
N ALA A 159 9.21 9.49 8.89
CA ALA A 159 9.03 8.89 7.57
C ALA A 159 8.75 7.40 7.66
N THR A 160 7.81 6.91 6.86
CA THR A 160 7.44 5.50 6.91
C THR A 160 7.57 4.85 5.53
N LYS A 161 7.90 3.56 5.53
CA LYS A 161 7.91 2.79 4.30
C LYS A 161 6.63 1.97 4.15
N THR A 162 5.90 2.17 3.04
CA THR A 162 4.65 1.42 2.85
C THR A 162 4.90 0.27 1.87
N PRO A 163 3.96 -0.70 1.84
CA PRO A 163 4.13 -1.81 0.90
C PRO A 163 3.68 -1.43 -0.52
N SER A 164 3.12 -0.24 -0.69
CA SER A 164 2.63 0.20 -2.00
C SER A 164 3.74 0.97 -2.70
N SER A 165 4.95 0.80 -2.15
CA SER A 165 6.21 1.39 -2.60
C SER A 165 6.36 2.84 -2.13
N ASP A 166 5.24 3.46 -1.76
CA ASP A 166 5.21 4.85 -1.33
C ASP A 166 5.99 5.07 -0.06
N VAL A 167 6.73 6.16 -0.04
CA VAL A 167 7.25 6.66 1.21
C VAL A 167 6.42 7.89 1.62
N LEU A 168 6.00 7.85 2.88
CA LEU A 168 5.14 8.86 3.46
C LEU A 168 5.93 9.64 4.51
N VAL A 169 5.58 10.92 4.68
CA VAL A 169 6.15 11.79 5.69
C VAL A 169 5.05 12.38 6.60
N PHE A 170 5.17 12.16 7.91
CA PHE A 170 4.19 12.66 8.87
C PHE A 170 4.80 13.66 9.85
N ASP A 171 3.98 14.60 10.29
CA ASP A 171 4.26 15.40 11.48
C ASP A 171 3.16 15.00 12.45
N TYR A 172 3.50 14.22 13.46
CA TYR A 172 2.46 13.62 14.31
C TYR A 172 1.78 14.67 15.19
N THR A 173 2.38 15.86 15.27
CA THR A 173 1.80 16.98 15.98
C THR A 173 0.71 17.63 15.15
N LYS A 174 0.39 17.02 14.01
CA LYS A 174 -0.59 17.57 13.09
C LYS A 174 -1.67 16.53 12.80
N HIS A 175 -1.82 15.61 13.74
CA HIS A 175 -2.83 14.56 13.65
C HIS A 175 -3.34 14.29 15.05
N PRO A 176 -4.62 13.91 15.16
CA PRO A 176 -5.12 13.61 16.51
C PRO A 176 -4.49 12.32 17.05
N SER A 177 -4.35 12.22 18.38
CA SER A 177 -3.84 11.01 19.01
C SER A 177 -4.73 9.80 18.73
N LYS A 178 -6.02 10.07 18.54
CA LYS A 178 -7.00 9.05 18.14
C LYS A 178 -7.20 9.16 16.63
N PRO A 179 -6.84 8.10 15.89
CA PRO A 179 -6.90 8.16 14.43
C PRO A 179 -8.32 8.32 13.89
N ASP A 180 -8.45 8.94 12.72
CA ASP A 180 -9.74 9.07 12.08
C ASP A 180 -10.34 7.71 11.72
N PRO A 181 -11.53 7.40 12.29
CA PRO A 181 -12.25 6.14 12.13
C PRO A 181 -12.60 5.77 10.69
N SER A 182 -12.59 6.74 9.77
CA SER A 182 -12.74 6.43 8.35
C SER A 182 -11.64 5.47 7.93
N GLY A 183 -10.50 5.61 8.56
CA GLY A 183 -9.36 4.75 8.27
C GLY A 183 -8.46 5.26 7.16
N GLU A 184 -8.86 6.36 6.52
CA GLU A 184 -8.09 6.99 5.44
C GLU A 184 -6.80 7.54 5.98
N CYS A 185 -5.75 7.41 5.17
CA CYS A 185 -4.43 7.89 5.56
C CYS A 185 -4.14 9.27 4.94
N ASN A 186 -3.72 10.22 5.77
CA ASN A 186 -3.40 11.58 5.31
C ASN A 186 -1.98 12.04 5.62
N PRO A 187 -1.02 11.67 4.75
CA PRO A 187 0.36 12.07 4.97
C PRO A 187 0.58 13.52 4.55
N ASP A 188 1.55 14.18 5.19
CA ASP A 188 1.88 15.55 4.87
C ASP A 188 2.73 15.62 3.61
N LEU A 189 3.36 14.49 3.30
CA LEU A 189 4.11 14.34 2.06
C LEU A 189 4.00 12.91 1.54
N ARG A 190 4.14 12.78 0.23
CA ARG A 190 4.14 11.50 -0.45
C ARG A 190 5.34 11.43 -1.34
N LEU A 191 6.27 10.53 -1.04
CA LEU A 191 7.51 10.52 -1.80
C LEU A 191 7.51 9.42 -2.84
N ARG A 192 7.73 9.82 -4.09
CA ARG A 192 7.62 8.89 -5.20
C ARG A 192 8.96 8.67 -5.89
N GLY A 193 9.22 7.43 -6.29
CA GLY A 193 10.44 7.11 -7.01
C GLY A 193 10.56 5.63 -7.24
N HIS A 194 9.96 4.86 -6.32
CA HIS A 194 10.05 3.40 -6.25
C HIS A 194 8.96 2.69 -7.01
N GLN A 195 9.22 1.42 -7.32
CA GLN A 195 8.23 0.58 -7.97
C GLN A 195 7.72 -0.48 -7.01
N LYS A 196 8.55 -0.81 -6.03
CA LYS A 196 8.27 -1.91 -5.15
C LYS A 196 8.48 -1.47 -3.71
N GLU A 197 7.87 -2.17 -2.78
CA GLU A 197 8.06 -1.86 -1.38
C GLU A 197 9.53 -2.03 -0.98
N GLY A 198 9.88 -1.50 0.19
CA GLY A 198 11.24 -1.58 0.67
C GLY A 198 11.31 -1.43 2.17
N TYR A 199 12.54 -1.35 2.69
CA TYR A 199 12.72 -1.20 4.12
C TYR A 199 13.71 -0.10 4.47
N GLY A 200 14.93 -0.25 3.97
CA GLY A 200 15.97 0.74 4.16
C GLY A 200 15.45 2.16 4.05
N LEU A 201 15.90 2.99 4.99
CA LEU A 201 15.50 4.40 5.10
C LEU A 201 16.58 5.11 5.92
N SER A 202 16.91 6.35 5.57
CA SER A 202 17.96 7.07 6.31
C SER A 202 17.90 8.57 6.01
N TRP A 203 17.67 9.37 7.05
CA TRP A 203 17.71 10.83 6.98
C TRP A 203 19.17 11.28 7.09
N ASN A 204 19.53 12.34 6.35
CA ASN A 204 20.89 12.87 6.44
C ASN A 204 21.06 13.85 7.62
N PRO A 205 21.83 13.44 8.65
CA PRO A 205 21.96 14.21 9.89
C PRO A 205 22.67 15.56 9.72
N ASN A 206 23.30 15.80 8.57
CA ASN A 206 23.99 17.08 8.32
C ASN A 206 23.42 17.84 7.12
N LEU A 207 22.43 17.25 6.48
CA LEU A 207 21.69 17.91 5.41
C LEU A 207 20.23 17.71 5.66
N SER A 208 19.65 18.68 6.37
CA SER A 208 18.22 18.76 6.62
C SER A 208 17.35 18.53 5.39
N GLY A 209 16.40 17.60 5.49
CA GLY A 209 15.42 17.41 4.43
C GLY A 209 15.79 16.36 3.40
N HIS A 210 17.04 15.92 3.47
CA HIS A 210 17.52 14.89 2.57
C HIS A 210 17.28 13.48 3.12
N LEU A 211 16.46 12.73 2.40
CA LEU A 211 16.03 11.40 2.78
C LEU A 211 16.43 10.41 1.70
N LEU A 212 17.00 9.28 2.10
CA LEU A 212 17.28 8.16 1.19
C LEU A 212 16.40 6.95 1.49
N SER A 213 15.91 6.26 0.45
CA SER A 213 15.13 5.04 0.69
C SER A 213 15.62 3.84 -0.15
N ALA A 214 15.54 2.65 0.44
CA ALA A 214 15.99 1.39 -0.20
C ALA A 214 14.83 0.46 -0.54
N SER A 215 14.98 -0.36 -1.58
CA SER A 215 13.81 -1.06 -2.11
C SER A 215 14.04 -2.38 -2.85
N ASP A 216 12.97 -3.15 -2.96
CA ASP A 216 12.97 -4.41 -3.68
C ASP A 216 13.17 -4.18 -5.19
N ASP A 217 12.88 -2.96 -5.67
CA ASP A 217 12.98 -2.66 -7.10
C ASP A 217 14.42 -2.44 -7.56
N HIS A 218 15.36 -2.69 -6.65
CA HIS A 218 16.81 -2.60 -6.87
C HIS A 218 17.31 -1.16 -6.83
N THR A 219 16.47 -0.22 -6.41
CA THR A 219 16.87 1.18 -6.48
C THR A 219 17.01 1.80 -5.09
N ILE A 220 17.82 2.86 -5.05
CA ILE A 220 17.93 3.80 -3.92
C ILE A 220 17.39 5.15 -4.37
N CYS A 221 16.57 5.80 -3.54
CA CYS A 221 16.02 7.11 -3.92
C CYS A 221 16.42 8.22 -2.96
N LEU A 222 16.72 9.39 -3.52
CA LEU A 222 16.99 10.56 -2.69
C LEU A 222 15.90 11.59 -2.90
N TRP A 223 15.37 12.11 -1.78
CA TRP A 223 14.47 13.23 -1.82
C TRP A 223 15.12 14.34 -1.01
N ASP A 224 15.01 15.57 -1.51
CA ASP A 224 15.28 16.71 -0.69
C ASP A 224 13.98 17.51 -0.51
N ILE A 225 13.33 17.26 0.63
CA ILE A 225 12.02 17.85 0.95
C ILE A 225 12.20 19.20 1.66
N SER A 226 13.39 19.79 1.55
CA SER A 226 13.69 21.05 2.25
C SER A 226 12.76 22.19 1.79
N ALA A 227 12.86 22.64 0.55
CA ALA A 227 11.97 23.73 0.12
C ALA A 227 10.49 23.32 -0.05
N VAL A 228 10.15 22.19 0.55
CA VAL A 228 8.84 21.59 0.33
C VAL A 228 7.90 21.72 1.53
N PRO A 229 6.90 22.61 1.42
CA PRO A 229 5.90 22.78 2.49
C PRO A 229 5.13 21.48 2.74
N LYS A 230 5.20 21.00 3.98
CA LYS A 230 4.61 19.71 4.35
C LYS A 230 3.10 19.74 4.54
N GLU A 231 2.34 19.96 3.48
CA GLU A 231 0.87 19.92 3.57
C GLU A 231 0.25 19.10 2.45
N GLY A 232 0.63 17.82 2.37
CA GLY A 232 -0.02 16.85 1.51
C GLY A 232 0.68 16.53 0.19
N LYS A 233 1.59 17.42 -0.22
CA LYS A 233 2.14 17.44 -1.58
C LYS A 233 2.81 16.14 -1.94
N VAL A 234 2.88 15.91 -3.25
CA VAL A 234 3.59 14.76 -3.79
C VAL A 234 4.96 15.24 -4.24
N VAL A 235 6.01 14.56 -3.80
CA VAL A 235 7.35 14.90 -4.24
C VAL A 235 8.10 13.69 -4.84
N ASP A 236 8.69 13.89 -6.01
CA ASP A 236 9.43 12.84 -6.67
C ASP A 236 10.92 12.92 -6.37
N ALA A 237 11.55 11.75 -6.35
CA ALA A 237 12.97 11.58 -6.07
C ALA A 237 13.85 12.56 -6.83
N LYS A 238 14.84 13.12 -6.14
CA LYS A 238 15.84 13.96 -6.82
C LYS A 238 16.76 13.09 -7.66
N THR A 239 17.17 11.96 -7.09
CA THR A 239 18.13 11.06 -7.71
C THR A 239 17.86 9.60 -7.33
N ILE A 240 18.13 8.69 -8.26
CA ILE A 240 17.98 7.26 -8.02
C ILE A 240 19.26 6.50 -8.39
N PHE A 241 19.93 5.94 -7.38
CA PHE A 241 21.17 5.18 -7.58
C PHE A 241 20.90 3.72 -7.91
N THR A 242 21.34 3.29 -9.09
CA THR A 242 20.92 1.99 -9.61
C THR A 242 22.00 0.94 -9.53
N GLY A 243 23.02 1.19 -8.72
CA GLY A 243 24.18 0.30 -8.61
C GLY A 243 23.87 -1.17 -8.47
N HIS A 244 23.14 -1.53 -7.40
CA HIS A 244 22.74 -2.91 -7.10
C HIS A 244 21.88 -3.53 -8.21
N THR A 245 21.86 -4.86 -8.24
CA THR A 245 21.05 -5.60 -9.22
C THR A 245 19.99 -6.49 -8.58
N ALA A 246 19.98 -6.54 -7.26
CA ALA A 246 18.96 -7.29 -6.54
C ALA A 246 18.31 -6.38 -5.52
N VAL A 247 17.47 -6.96 -4.69
CA VAL A 247 16.78 -6.23 -3.64
C VAL A 247 17.76 -5.49 -2.75
N VAL A 248 17.56 -4.18 -2.62
CA VAL A 248 18.39 -3.40 -1.72
C VAL A 248 17.78 -3.47 -0.32
N GLU A 249 18.55 -3.96 0.64
CA GLU A 249 18.00 -4.23 1.98
C GLU A 249 18.06 -3.03 2.93
N ASP A 250 19.09 -2.21 2.80
CA ASP A 250 19.26 -1.10 3.70
C ASP A 250 20.17 -0.05 3.07
N VAL A 251 20.06 1.16 3.58
CA VAL A 251 20.93 2.27 3.21
C VAL A 251 21.05 3.18 4.40
N SER A 252 22.24 3.75 4.62
CA SER A 252 22.46 4.71 5.70
C SER A 252 23.48 5.75 5.32
N TRP A 253 23.19 7.00 5.67
CA TRP A 253 24.07 8.13 5.46
C TRP A 253 25.29 7.99 6.36
N HIS A 254 26.40 8.54 5.92
CA HIS A 254 27.53 8.64 6.83
C HIS A 254 27.11 9.66 7.89
N LEU A 255 27.70 9.57 9.07
CA LEU A 255 27.23 10.35 10.19
C LEU A 255 27.95 11.68 10.34
N LEU A 256 29.09 11.80 9.66
CA LEU A 256 29.81 13.07 9.62
C LEU A 256 30.12 13.60 8.22
N HIS A 257 30.16 12.73 7.21
CA HIS A 257 30.39 13.20 5.84
C HIS A 257 29.07 13.22 5.08
N GLU A 258 28.55 14.43 4.89
CA GLU A 258 27.26 14.70 4.24
C GLU A 258 27.07 14.11 2.85
N SER A 259 28.16 13.81 2.15
CA SER A 259 28.09 13.43 0.76
C SER A 259 28.03 11.92 0.61
N LEU A 260 28.49 11.25 1.66
CA LEU A 260 28.69 9.80 1.64
C LEU A 260 27.51 9.07 2.26
N PHE A 261 27.12 7.98 1.63
CA PHE A 261 26.20 7.03 2.23
C PHE A 261 26.52 5.66 1.68
N GLY A 262 26.01 4.64 2.34
CA GLY A 262 26.26 3.28 1.89
C GLY A 262 25.02 2.43 1.90
N SER A 263 24.87 1.58 0.90
CA SER A 263 23.72 0.69 0.81
C SER A 263 24.19 -0.75 0.77
N VAL A 264 23.31 -1.69 1.10
CA VAL A 264 23.62 -3.13 0.98
C VAL A 264 22.44 -3.84 0.33
N ALA A 265 22.72 -4.89 -0.42
CA ALA A 265 21.65 -5.53 -1.16
C ALA A 265 21.82 -7.03 -1.17
N ASP A 266 20.76 -7.70 -1.61
CA ASP A 266 20.76 -9.15 -1.65
C ASP A 266 21.81 -9.69 -2.62
N ASP A 267 22.45 -8.80 -3.39
CA ASP A 267 23.53 -9.21 -4.30
C ASP A 267 24.87 -9.35 -3.58
N GLN A 268 24.81 -9.31 -2.24
CA GLN A 268 25.93 -9.62 -1.33
C GLN A 268 26.98 -8.55 -1.32
N LYS A 269 26.60 -7.35 -1.76
CA LYS A 269 27.56 -6.27 -1.88
C LYS A 269 27.27 -5.11 -0.94
N LEU A 270 28.33 -4.54 -0.39
CA LEU A 270 28.28 -3.25 0.29
C LEU A 270 28.82 -2.14 -0.63
N MET A 271 28.01 -1.13 -0.91
CA MET A 271 28.45 -0.02 -1.76
C MET A 271 28.48 1.30 -1.03
N ILE A 272 29.58 2.02 -1.25
CA ILE A 272 29.74 3.34 -0.66
C ILE A 272 29.48 4.37 -1.71
N TRP A 273 28.53 5.27 -1.46
CA TRP A 273 28.13 6.22 -2.52
C TRP A 273 28.55 7.65 -2.29
N ASP A 274 28.78 8.39 -3.37
CA ASP A 274 29.02 9.81 -3.25
C ASP A 274 28.03 10.67 -4.05
N THR A 275 27.44 11.68 -3.41
CA THR A 275 26.42 12.47 -4.11
C THR A 275 27.08 13.51 -5.00
N ARG A 276 28.36 13.78 -4.76
CA ARG A 276 29.08 14.71 -5.62
C ARG A 276 29.15 14.08 -7.00
N SER A 277 29.52 12.81 -7.04
CA SER A 277 29.58 12.04 -8.30
C SER A 277 28.36 12.17 -9.20
N ASN A 278 28.62 12.45 -10.48
CA ASN A 278 27.57 12.56 -11.46
C ASN A 278 27.06 11.19 -11.96
N ASN A 279 27.80 10.14 -11.65
CA ASN A 279 27.44 8.77 -12.03
C ASN A 279 26.69 8.07 -10.89
N THR A 280 25.43 7.68 -11.14
CA THR A 280 24.58 7.07 -10.14
C THR A 280 24.40 5.58 -10.39
N SER A 281 25.14 5.04 -11.34
CA SER A 281 24.95 3.66 -11.74
C SER A 281 26.12 2.82 -11.27
N LYS A 282 27.11 3.50 -10.67
CA LYS A 282 28.32 2.86 -10.15
C LYS A 282 28.89 3.69 -8.99
N PRO A 283 28.87 3.13 -7.78
CA PRO A 283 29.28 3.79 -6.54
C PRO A 283 30.80 3.87 -6.39
N SER A 284 31.32 4.75 -5.54
CA SER A 284 32.77 4.94 -5.42
C SER A 284 33.54 3.67 -5.08
N HIS A 285 32.99 2.90 -4.15
CA HIS A 285 33.57 1.61 -3.81
C HIS A 285 32.47 0.56 -3.74
N SER A 286 32.91 -0.68 -3.79
CA SER A 286 32.03 -1.83 -3.86
C SER A 286 32.82 -2.98 -3.21
N VAL A 287 32.13 -3.76 -2.38
CA VAL A 287 32.74 -4.90 -1.72
C VAL A 287 31.81 -6.08 -1.78
N ASP A 288 32.38 -7.28 -1.86
CA ASP A 288 31.61 -8.48 -1.63
C ASP A 288 31.67 -8.79 -0.14
N ALA A 289 30.63 -8.35 0.54
CA ALA A 289 30.61 -8.30 1.99
C ALA A 289 30.36 -9.67 2.60
N HIS A 290 29.43 -10.43 2.01
CA HIS A 290 29.06 -11.70 2.59
C HIS A 290 28.86 -12.78 1.54
N THR A 291 28.63 -14.01 2.01
CA THR A 291 28.34 -15.15 1.14
C THR A 291 26.83 -15.46 1.07
N ALA A 292 26.02 -14.44 1.34
CA ALA A 292 24.56 -14.52 1.35
C ALA A 292 24.05 -13.09 1.43
N GLU A 293 22.74 -12.92 1.54
CA GLU A 293 22.11 -11.59 1.50
C GLU A 293 22.64 -10.64 2.55
N VAL A 294 22.82 -9.36 2.17
CA VAL A 294 23.24 -8.35 3.13
C VAL A 294 22.05 -7.48 3.47
N ASN A 295 21.63 -7.56 4.72
CA ASN A 295 20.32 -7.11 5.17
C ASN A 295 20.36 -5.80 5.93
N CYS A 296 21.53 -5.42 6.42
CA CYS A 296 21.67 -4.16 7.14
C CYS A 296 23.10 -3.65 7.27
N LEU A 297 23.22 -2.37 7.59
CA LEU A 297 24.49 -1.79 7.99
C LEU A 297 24.24 -0.61 8.92
N SER A 298 25.29 -0.18 9.64
CA SER A 298 25.22 0.92 10.58
C SER A 298 26.61 1.55 10.78
N PHE A 299 26.76 2.81 10.38
CA PHE A 299 28.04 3.50 10.51
C PHE A 299 28.33 3.82 11.97
N ASN A 300 29.60 3.78 12.33
CA ASN A 300 29.99 4.07 13.71
C ASN A 300 29.89 5.54 14.08
N PRO A 301 29.03 5.86 15.06
CA PRO A 301 28.80 7.24 15.49
C PRO A 301 29.98 7.91 16.19
N TYR A 302 31.05 7.17 16.48
CA TYR A 302 32.23 7.80 17.06
C TYR A 302 33.46 7.68 16.18
N SER A 303 33.46 6.72 15.26
CA SER A 303 34.66 6.42 14.47
C SER A 303 34.39 6.49 12.96
N GLU A 304 34.87 7.54 12.29
CA GLU A 304 34.36 7.87 10.94
C GLU A 304 34.65 6.84 9.84
N PHE A 305 35.59 5.93 10.09
CA PHE A 305 35.99 4.92 9.09
C PHE A 305 35.31 3.56 9.29
N ILE A 306 34.62 3.37 10.41
CA ILE A 306 34.12 2.05 10.74
C ILE A 306 32.60 1.90 10.55
N LEU A 307 32.22 0.85 9.83
CA LEU A 307 30.83 0.48 9.69
C LEU A 307 30.78 -1.01 9.92
N ALA A 308 29.59 -1.56 10.09
CA ALA A 308 29.43 -3.01 10.18
C ALA A 308 28.26 -3.40 9.31
N THR A 309 28.25 -4.64 8.81
CA THR A 309 27.08 -5.08 8.02
C THR A 309 26.58 -6.42 8.53
N GLY A 310 25.28 -6.68 8.33
CA GLY A 310 24.63 -7.89 8.84
C GLY A 310 23.95 -8.73 7.76
N SER A 311 24.09 -10.04 7.80
CA SER A 311 23.53 -10.83 6.70
C SER A 311 22.78 -12.13 6.99
N ALA A 312 22.55 -12.88 5.92
CA ALA A 312 21.86 -14.16 5.94
C ALA A 312 22.85 -15.32 6.07
N ASP A 313 24.12 -14.98 6.26
CA ASP A 313 25.19 -15.95 6.45
C ASP A 313 25.54 -16.03 7.94
N LYS A 314 24.60 -15.60 8.78
CA LYS A 314 24.69 -15.58 10.22
C LYS A 314 25.84 -14.74 10.76
N THR A 315 26.35 -13.78 9.99
CA THR A 315 27.47 -13.02 10.56
C THR A 315 27.36 -11.50 10.42
N VAL A 316 28.11 -10.84 11.29
CA VAL A 316 28.31 -9.39 11.24
C VAL A 316 29.76 -9.14 10.87
N ALA A 317 29.97 -8.44 9.76
CA ALA A 317 31.28 -8.13 9.26
C ALA A 317 31.70 -6.72 9.65
N LEU A 318 32.85 -6.58 10.30
CA LEU A 318 33.34 -5.26 10.64
C LEU A 318 34.17 -4.73 9.46
N TRP A 319 33.92 -3.46 9.10
CA TRP A 319 34.53 -2.87 7.90
C TRP A 319 35.33 -1.63 8.24
N ASP A 320 36.38 -1.39 7.46
CA ASP A 320 37.16 -0.15 7.52
C ASP A 320 37.05 0.56 6.17
N LEU A 321 36.42 1.73 6.16
CA LEU A 321 36.23 2.50 4.94
C LEU A 321 37.52 2.79 4.16
N ARG A 322 38.65 2.86 4.88
CA ARG A 322 39.96 3.15 4.31
C ARG A 322 40.56 2.03 3.48
N ASN A 323 39.96 0.84 3.59
CA ASN A 323 40.46 -0.33 2.88
C ASN A 323 39.41 -1.44 2.92
N LEU A 324 38.67 -1.54 1.82
CA LEU A 324 37.54 -2.45 1.75
C LEU A 324 37.87 -3.83 1.16
N LYS A 325 39.10 -4.06 0.78
CA LYS A 325 39.47 -5.41 0.33
C LYS A 325 39.73 -6.32 1.55
N LEU A 326 39.55 -5.78 2.76
CA LEU A 326 39.76 -6.55 3.98
C LEU A 326 38.64 -6.34 5.01
N LYS A 327 37.87 -7.39 5.21
CA LYS A 327 36.97 -7.47 6.34
C LYS A 327 37.82 -7.46 7.62
N LEU A 328 37.56 -6.51 8.50
CA LEU A 328 38.33 -6.36 9.74
C LEU A 328 38.14 -7.56 10.65
N HIS A 329 36.91 -8.07 10.63
CA HIS A 329 36.49 -9.11 11.55
C HIS A 329 35.14 -9.68 11.11
N SER A 330 34.83 -10.86 11.58
CA SER A 330 33.53 -11.43 11.32
C SER A 330 33.04 -11.85 12.69
N PHE A 331 31.99 -11.19 13.18
CA PHE A 331 31.41 -11.58 14.44
C PHE A 331 30.53 -12.78 14.17
N GLU A 332 30.93 -13.94 14.70
CA GLU A 332 30.15 -15.15 14.51
C GLU A 332 29.53 -15.62 15.82
N SER A 333 28.20 -15.72 15.85
CA SER A 333 27.51 -16.27 17.01
C SER A 333 26.05 -16.58 16.71
N HIS A 334 25.42 -15.74 15.91
CA HIS A 334 24.04 -15.97 15.50
C HIS A 334 23.92 -17.30 14.80
N LYS A 335 22.74 -17.88 14.89
CA LYS A 335 22.48 -19.20 14.37
C LYS A 335 21.49 -19.12 13.22
N ASP A 336 21.05 -17.91 12.90
CA ASP A 336 20.14 -17.71 11.77
C ASP A 336 20.31 -16.30 11.23
N GLU A 337 19.48 -15.94 10.26
CA GLU A 337 19.65 -14.66 9.55
C GLU A 337 19.77 -13.43 10.46
N ILE A 338 20.43 -12.40 9.94
CA ILE A 338 20.56 -11.14 10.68
C ILE A 338 19.80 -10.08 9.92
N PHE A 339 18.97 -9.35 10.63
CA PHE A 339 18.10 -8.37 9.97
C PHE A 339 18.31 -6.96 10.50
N GLN A 340 18.86 -6.83 11.70
CA GLN A 340 19.21 -5.51 12.23
C GLN A 340 20.59 -5.45 12.94
N VAL A 341 21.26 -4.32 12.78
CA VAL A 341 22.54 -4.08 13.44
C VAL A 341 22.66 -2.60 13.82
N GLN A 342 23.05 -2.34 15.06
CA GLN A 342 23.15 -0.95 15.54
C GLN A 342 24.41 -0.77 16.40
N TRP A 343 25.10 0.36 16.22
CA TRP A 343 26.12 0.76 17.20
C TRP A 343 25.44 1.36 18.44
N SER A 344 26.03 1.12 19.60
CA SER A 344 25.64 1.86 20.79
C SER A 344 25.99 3.34 20.58
N PRO A 345 25.06 4.25 20.92
CA PRO A 345 25.21 5.71 20.80
C PRO A 345 25.98 6.33 21.97
N HIS A 346 26.42 5.46 22.88
CA HIS A 346 27.16 5.86 24.08
C HIS A 346 28.61 5.48 24.03
N ASN A 347 28.86 4.24 23.60
CA ASN A 347 30.19 3.63 23.62
C ASN A 347 30.68 3.13 22.28
N GLU A 348 31.84 3.62 21.87
CA GLU A 348 32.34 3.46 20.51
C GLU A 348 32.71 2.03 20.13
N THR A 349 32.88 1.15 21.12
CA THR A 349 33.25 -0.23 20.82
C THR A 349 32.14 -1.21 21.11
N ILE A 350 30.93 -0.71 21.25
CA ILE A 350 29.80 -1.59 21.48
C ILE A 350 28.90 -1.61 20.23
N LEU A 351 28.46 -2.81 19.91
CA LEU A 351 27.71 -3.12 18.71
C LEU A 351 26.61 -4.11 19.06
N ALA A 352 25.45 -4.00 18.43
CA ALA A 352 24.46 -5.03 18.65
C ALA A 352 23.93 -5.55 17.34
N SER A 353 23.37 -6.75 17.37
CA SER A 353 22.75 -7.35 16.19
C SER A 353 21.57 -8.21 16.58
N SER A 354 20.64 -8.41 15.65
CA SER A 354 19.45 -9.22 15.90
C SER A 354 18.99 -9.80 14.58
N GLY A 355 18.10 -10.78 14.63
CA GLY A 355 17.57 -11.40 13.44
C GLY A 355 16.72 -12.60 13.75
N THR A 356 16.68 -13.56 12.83
CA THR A 356 15.79 -14.72 12.92
C THR A 356 16.06 -15.63 14.12
N ASP A 357 17.29 -15.74 14.59
CA ASP A 357 17.54 -16.67 15.70
C ASP A 357 16.90 -16.23 17.02
N ARG A 358 15.96 -15.27 16.94
CA ARG A 358 15.14 -14.81 18.06
C ARG A 358 16.02 -14.27 19.20
N ARG A 359 17.22 -13.82 18.85
CA ARG A 359 18.21 -13.36 19.82
C ARG A 359 18.81 -12.02 19.42
N LEU A 360 19.27 -11.30 20.43
CA LEU A 360 19.92 -10.03 20.21
C LEU A 360 21.29 -10.13 20.82
N ASN A 361 22.28 -10.07 19.97
CA ASN A 361 23.65 -10.10 20.43
C ASN A 361 24.29 -8.73 20.59
N VAL A 362 24.95 -8.52 21.72
CA VAL A 362 25.68 -7.28 21.94
C VAL A 362 27.17 -7.52 21.92
N TRP A 363 27.86 -6.83 21.02
CA TRP A 363 29.28 -7.07 20.83
C TRP A 363 30.14 -5.96 21.39
N ASP A 364 31.28 -6.36 21.95
CA ASP A 364 32.32 -5.42 22.35
C ASP A 364 33.57 -5.75 21.52
N LEU A 365 33.99 -4.83 20.64
CA LEU A 365 35.07 -5.13 19.69
C LEU A 365 36.47 -4.90 20.27
N SER A 366 36.56 -4.40 21.50
CA SER A 366 37.88 -4.27 22.12
C SER A 366 38.31 -5.60 22.71
N LYS A 367 37.36 -6.51 22.92
CA LYS A 367 37.74 -7.82 23.47
C LYS A 367 37.99 -8.83 22.34
N ILE A 368 38.41 -8.32 21.19
CA ILE A 368 38.90 -9.17 20.12
C ILE A 368 40.33 -9.62 20.41
N GLY A 369 40.53 -10.93 20.53
CA GLY A 369 41.84 -11.50 20.76
C GLY A 369 42.09 -11.91 22.20
N GLU A 370 41.22 -11.50 23.11
CA GLU A 370 41.34 -11.90 24.51
C GLU A 370 41.15 -13.42 24.73
N GLU A 371 41.88 -13.95 25.71
CA GLU A 371 41.89 -15.38 26.06
C GLU A 371 40.72 -15.78 26.96
N GLN A 372 40.37 -17.07 26.93
CA GLN A 372 39.29 -17.60 27.74
C GLN A 372 39.56 -19.01 28.28
N SER A 373 38.87 -19.36 29.36
CA SER A 373 38.81 -20.73 29.90
C SER A 373 38.97 -21.81 28.83
N GLU A 378 34.97 -20.11 23.89
CA GLU A 378 34.43 -20.75 25.08
C GLU A 378 32.92 -20.99 24.93
N ASP A 379 32.10 -20.19 25.61
CA ASP A 379 30.66 -20.28 25.43
C ASP A 379 30.29 -19.40 24.22
N GLY A 380 31.34 -18.96 23.53
CA GLY A 380 31.24 -18.11 22.36
C GLY A 380 32.48 -17.21 22.34
N PRO A 381 32.67 -16.44 21.26
CA PRO A 381 33.88 -15.59 21.14
C PRO A 381 33.98 -14.60 22.28
N PRO A 382 35.19 -14.07 22.51
CA PRO A 382 35.33 -13.08 23.57
C PRO A 382 34.58 -11.80 23.23
N GLU A 383 34.52 -11.44 21.96
CA GLU A 383 33.83 -10.20 21.61
C GLU A 383 32.30 -10.25 21.87
N LEU A 384 31.78 -11.43 22.18
CA LEU A 384 30.36 -11.58 22.48
C LEU A 384 30.07 -11.20 23.94
N LEU A 385 29.35 -10.10 24.15
CA LEU A 385 29.27 -9.50 25.49
C LEU A 385 28.02 -9.95 26.24
N PHE A 386 26.93 -10.13 25.49
CA PHE A 386 25.68 -10.48 26.10
C PHE A 386 24.77 -11.11 25.05
N ILE A 387 24.04 -12.15 25.46
CA ILE A 387 23.04 -12.77 24.61
C ILE A 387 21.67 -12.48 25.16
N HIS A 388 20.91 -11.63 24.48
CA HIS A 388 19.57 -11.34 24.97
C HIS A 388 18.56 -12.36 24.46
N GLY A 389 18.13 -13.27 25.31
CA GLY A 389 17.23 -14.32 24.89
C GLY A 389 15.79 -14.07 25.26
N GLY A 390 15.42 -12.80 25.39
CA GLY A 390 14.11 -12.42 25.89
C GLY A 390 12.97 -12.67 24.94
N HIS A 391 13.26 -12.79 23.65
CA HIS A 391 12.21 -12.99 22.66
C HIS A 391 12.07 -14.48 22.29
N THR A 392 10.82 -14.94 22.15
CA THR A 392 10.57 -16.28 21.62
C THR A 392 9.99 -16.25 20.21
N ALA A 393 10.34 -15.20 19.47
CA ALA A 393 10.05 -15.16 18.06
C ALA A 393 11.13 -14.36 17.38
N LYS A 394 11.20 -14.46 16.06
CA LYS A 394 12.11 -13.65 15.26
C LYS A 394 11.94 -12.16 15.61
N ILE A 395 13.05 -11.49 15.86
CA ILE A 395 13.06 -10.07 16.20
C ILE A 395 13.10 -9.18 14.95
N SER A 396 12.25 -8.16 14.90
CA SER A 396 12.14 -7.33 13.70
C SER A 396 13.09 -6.11 13.76
N ASP A 397 13.18 -5.50 14.93
CA ASP A 397 13.95 -4.26 15.05
C ASP A 397 14.29 -4.04 16.51
N PHE A 398 15.37 -3.30 16.75
CA PHE A 398 15.67 -2.80 18.08
C PHE A 398 16.30 -1.41 17.97
N SER A 399 16.35 -0.68 19.07
CA SER A 399 16.97 0.64 19.06
C SER A 399 17.40 1.02 20.47
N TRP A 400 18.67 1.37 20.59
CA TRP A 400 19.26 1.84 21.82
C TRP A 400 18.56 3.09 22.31
N ASN A 401 18.32 3.18 23.62
CA ASN A 401 17.86 4.44 24.20
C ASN A 401 19.00 5.43 24.12
N PRO A 402 18.75 6.58 23.48
CA PRO A 402 19.78 7.60 23.29
C PRO A 402 20.18 8.33 24.58
N ASN A 403 19.34 8.27 25.61
CA ASN A 403 19.59 8.97 26.88
C ASN A 403 19.90 8.03 28.04
N GLU A 404 19.44 6.80 27.93
CA GLU A 404 19.72 5.83 28.97
C GLU A 404 20.61 4.73 28.44
N PRO A 405 21.90 4.81 28.79
CA PRO A 405 22.91 3.85 28.38
C PRO A 405 22.49 2.42 28.66
N TRP A 406 22.72 1.53 27.70
CA TRP A 406 22.50 0.09 27.86
C TRP A 406 21.03 -0.32 27.88
N VAL A 407 20.15 0.67 27.81
CA VAL A 407 18.74 0.40 27.67
C VAL A 407 18.42 0.19 26.18
N ILE A 408 17.82 -0.97 25.88
CA ILE A 408 17.47 -1.33 24.52
C ILE A 408 15.96 -1.67 24.42
N CYS A 409 15.32 -1.21 23.36
CA CYS A 409 13.97 -1.66 23.03
C CYS A 409 14.12 -2.66 21.91
N SER A 410 13.37 -3.77 21.97
CA SER A 410 13.46 -4.75 20.90
C SER A 410 12.11 -5.41 20.69
N VAL A 411 11.69 -5.58 19.43
CA VAL A 411 10.35 -6.09 19.13
C VAL A 411 10.31 -7.32 18.19
N SER A 412 9.46 -8.29 18.50
CA SER A 412 9.41 -9.51 17.70
C SER A 412 8.04 -9.78 17.05
N GLU A 413 7.98 -10.85 16.26
CA GLU A 413 6.83 -11.12 15.39
C GLU A 413 5.57 -11.57 16.12
N ASP A 414 5.67 -11.84 17.42
CA ASP A 414 4.52 -12.27 18.20
C ASP A 414 4.01 -11.13 19.07
N ASN A 415 4.20 -9.93 18.55
CA ASN A 415 3.70 -8.65 19.09
C ASN A 415 4.30 -8.24 20.43
N ILE A 416 5.32 -8.98 20.88
CA ILE A 416 6.04 -8.66 22.12
C ILE A 416 7.09 -7.57 21.88
N MET A 417 6.98 -6.50 22.67
CA MET A 417 7.96 -5.39 22.70
C MET A 417 8.67 -5.37 24.04
N GLN A 418 10.01 -5.43 24.03
CA GLN A 418 10.77 -5.42 25.29
C GLN A 418 11.72 -4.24 25.48
N VAL A 419 11.52 -3.55 26.59
CA VAL A 419 12.45 -2.55 27.08
C VAL A 419 13.28 -3.20 28.19
N TRP A 420 14.58 -3.28 27.97
CA TRP A 420 15.43 -4.06 28.83
C TRP A 420 16.84 -3.46 28.90
N GLN A 421 17.61 -3.89 29.89
CA GLN A 421 18.95 -3.36 30.10
C GLN A 421 19.80 -4.36 30.90
N MET A 422 20.96 -4.75 30.37
CA MET A 422 21.79 -5.71 31.05
C MET A 422 22.34 -5.10 32.34
N ALA A 423 22.70 -5.95 33.31
CA ALA A 423 23.26 -5.52 34.60
C ALA A 423 24.62 -4.84 34.40
N GLU A 424 24.97 -3.92 35.30
CA GLU A 424 26.16 -3.11 35.12
C GLU A 424 27.50 -3.86 35.20
N ASN A 425 27.58 -4.91 36.02
CA ASN A 425 28.85 -5.64 36.19
C ASN A 425 29.31 -6.37 34.94
N ILE A 426 28.39 -6.53 33.99
CA ILE A 426 28.74 -7.14 32.71
C ILE A 426 29.61 -6.17 31.89
N TYR A 427 29.27 -4.88 31.90
CA TYR A 427 30.13 -3.89 31.24
C TYR A 427 30.96 -3.08 32.24
N ASN A 428 31.30 -3.68 33.37
CA ASN A 428 32.32 -3.15 34.28
C ASN A 428 33.14 -4.26 34.92
N ALA B 29 -30.23 -9.40 -40.34
CA ALA B 29 -29.30 -9.28 -41.46
C ALA B 29 -27.85 -9.31 -40.96
N VAL B 30 -27.14 -10.39 -41.25
CA VAL B 30 -25.75 -10.54 -40.78
C VAL B 30 -24.71 -9.90 -41.68
N GLU B 31 -23.46 -10.31 -41.48
CA GLU B 31 -22.33 -9.81 -42.27
C GLU B 31 -22.10 -8.33 -42.03
N GLU B 32 -23.03 -7.70 -41.32
CA GLU B 32 -22.92 -6.28 -41.04
C GLU B 32 -21.77 -5.96 -40.11
N ARG B 33 -20.58 -5.80 -40.68
CA ARG B 33 -19.45 -5.21 -39.99
C ARG B 33 -19.31 -3.74 -40.36
N VAL B 34 -20.42 -3.02 -40.34
CA VAL B 34 -20.42 -1.59 -40.63
C VAL B 34 -19.50 -0.98 -39.59
N ILE B 35 -19.21 -1.78 -38.57
CA ILE B 35 -18.33 -1.34 -37.49
C ILE B 35 -16.97 -0.88 -38.00
N ASN B 36 -16.46 -1.59 -38.99
CA ASN B 36 -15.12 -1.35 -39.52
C ASN B 36 -15.03 -0.05 -40.30
N GLU B 37 -16.04 0.23 -41.11
CA GLU B 37 -16.18 1.51 -41.79
C GLU B 37 -15.99 2.72 -40.85
N GLU B 38 -16.73 2.73 -39.74
CA GLU B 38 -16.70 3.85 -38.81
C GLU B 38 -15.43 3.93 -37.95
N TYR B 39 -14.72 2.82 -37.80
CA TYR B 39 -13.45 2.84 -37.09
C TYR B 39 -12.40 3.47 -37.97
N LYS B 40 -12.52 3.20 -39.28
CA LYS B 40 -11.61 3.74 -40.28
C LYS B 40 -11.75 5.25 -40.32
N ILE B 41 -12.99 5.71 -40.30
CA ILE B 41 -13.27 7.15 -40.30
C ILE B 41 -12.81 7.81 -39.01
N TRP B 42 -13.14 7.20 -37.86
CA TRP B 42 -12.72 7.69 -36.54
C TRP B 42 -11.21 7.89 -36.39
N LYS B 43 -10.42 6.85 -36.69
CA LYS B 43 -8.97 6.95 -36.60
C LYS B 43 -8.46 8.14 -37.40
N LYS B 44 -9.01 8.35 -38.60
CA LYS B 44 -8.53 9.43 -39.46
C LYS B 44 -8.83 10.82 -38.87
N ASN B 45 -9.72 10.84 -37.88
CA ASN B 45 -10.18 12.10 -37.27
C ASN B 45 -9.52 12.43 -35.94
N THR B 46 -8.74 11.52 -35.35
CA THR B 46 -8.13 11.76 -34.04
C THR B 46 -7.23 13.01 -33.93
N PRO B 47 -6.48 13.37 -34.99
CA PRO B 47 -5.62 14.56 -34.85
C PRO B 47 -6.38 15.81 -34.40
N PHE B 48 -7.67 15.90 -34.72
CA PHE B 48 -8.44 17.05 -34.28
C PHE B 48 -9.54 16.63 -33.31
N LEU B 49 -9.40 15.46 -32.69
CA LEU B 49 -10.38 15.06 -31.67
C LEU B 49 -9.80 14.79 -30.29
N TYR B 50 -8.51 14.44 -30.25
CA TYR B 50 -7.86 14.05 -29.02
C TYR B 50 -6.54 14.76 -28.79
N ASP B 51 -6.18 14.96 -27.54
CA ASP B 51 -4.85 15.43 -27.22
C ASP B 51 -4.00 14.21 -26.98
N LEU B 52 -4.65 13.05 -26.95
CA LEU B 52 -3.99 11.80 -26.61
C LEU B 52 -4.85 10.56 -26.88
N VAL B 53 -4.49 9.74 -27.87
CA VAL B 53 -5.07 8.41 -28.03
C VAL B 53 -3.99 7.37 -27.96
N MET B 54 -4.12 6.44 -27.03
CA MET B 54 -3.21 5.31 -26.96
C MET B 54 -4.05 4.06 -27.16
N THR B 55 -3.54 3.11 -27.95
CA THR B 55 -4.20 1.81 -28.10
C THR B 55 -3.25 0.63 -27.77
N HIS B 56 -3.82 -0.43 -27.21
CA HIS B 56 -3.07 -1.61 -26.78
C HIS B 56 -3.97 -2.83 -26.85
N ALA B 57 -3.46 -3.92 -27.41
CA ALA B 57 -4.23 -5.15 -27.49
C ALA B 57 -3.88 -6.03 -26.31
N LEU B 58 -4.90 -6.34 -25.51
CA LEU B 58 -4.69 -7.16 -24.34
C LEU B 58 -4.75 -8.64 -24.69
N GLU B 59 -3.97 -9.43 -23.96
CA GLU B 59 -3.81 -10.85 -24.26
C GLU B 59 -5.11 -11.64 -24.19
N TRP B 60 -6.03 -11.16 -23.36
CA TRP B 60 -7.41 -11.61 -23.28
C TRP B 60 -8.20 -10.33 -23.04
N PRO B 61 -9.50 -10.33 -23.31
CA PRO B 61 -10.22 -9.10 -22.95
C PRO B 61 -10.27 -8.90 -21.44
N SER B 62 -10.22 -7.64 -21.00
CA SER B 62 -10.42 -7.30 -19.60
C SER B 62 -11.88 -6.88 -19.38
N LEU B 63 -12.51 -7.42 -18.34
CA LEU B 63 -13.87 -7.00 -18.02
C LEU B 63 -13.88 -5.76 -17.16
N THR B 64 -12.73 -5.45 -16.57
CA THR B 64 -12.64 -4.42 -15.53
C THR B 64 -11.46 -3.44 -15.72
N ALA B 65 -11.65 -2.21 -15.22
CA ALA B 65 -10.66 -1.13 -15.32
C ALA B 65 -10.80 -0.08 -14.19
N GLN B 66 -9.68 0.18 -13.50
CA GLN B 66 -9.62 1.19 -12.44
C GLN B 66 -8.18 1.70 -12.27
N TRP B 67 -8.00 3.02 -12.35
CA TRP B 67 -6.70 3.59 -12.03
C TRP B 67 -6.38 3.44 -10.56
N LEU B 68 -5.10 3.26 -10.27
CA LEU B 68 -4.61 3.31 -8.92
C LEU B 68 -4.29 4.77 -8.63
N PRO B 69 -4.39 5.20 -7.38
CA PRO B 69 -4.30 6.62 -6.99
C PRO B 69 -2.95 7.26 -7.28
N ASP B 70 -1.91 6.44 -7.42
CA ASP B 70 -0.53 6.90 -7.43
C ASP B 70 0.06 7.37 -8.78
N VAL B 71 0.47 8.64 -8.85
CA VAL B 71 1.17 9.09 -10.04
C VAL B 71 2.63 9.36 -9.68
N THR B 72 3.50 8.91 -10.57
CA THR B 72 4.94 9.06 -10.46
C THR B 72 5.39 9.91 -11.64
N ARG B 73 6.23 10.91 -11.39
CA ARG B 73 6.84 11.64 -12.50
C ARG B 73 8.33 11.70 -12.25
N PRO B 74 9.08 10.80 -12.90
CA PRO B 74 10.54 10.73 -12.68
C PRO B 74 11.27 12.01 -13.11
N GLU B 75 12.12 12.50 -12.21
CA GLU B 75 12.88 13.73 -12.39
C GLU B 75 14.03 13.59 -13.38
N GLY B 76 13.70 13.59 -14.66
CA GLY B 76 14.63 13.45 -15.79
C GLY B 76 13.82 13.35 -17.08
N LYS B 77 13.02 12.29 -17.16
CA LYS B 77 12.23 11.92 -18.34
C LYS B 77 11.08 12.86 -18.71
N ASP B 78 10.50 12.64 -19.89
CA ASP B 78 9.38 13.46 -20.39
C ASP B 78 8.00 12.74 -20.38
N PHE B 79 7.79 11.84 -19.44
CA PHE B 79 6.54 11.10 -19.30
C PHE B 79 6.23 10.92 -17.82
N SER B 80 5.03 10.49 -17.50
CA SER B 80 4.69 10.20 -16.12
C SER B 80 4.13 8.80 -16.03
N ILE B 81 4.24 8.21 -14.85
CA ILE B 81 3.88 6.82 -14.67
C ILE B 81 2.52 6.71 -13.96
N HIS B 82 1.57 6.04 -14.59
CA HIS B 82 0.31 5.67 -13.92
C HIS B 82 0.16 4.14 -13.93
N ARG B 83 -0.79 3.60 -13.17
CA ARG B 83 -1.03 2.15 -13.06
C ARG B 83 -2.52 1.77 -13.05
N LEU B 84 -2.85 0.65 -13.70
CA LEU B 84 -4.24 0.17 -13.72
C LEU B 84 -4.41 -1.18 -13.02
N VAL B 85 -5.62 -1.42 -12.54
CA VAL B 85 -5.99 -2.75 -12.06
C VAL B 85 -6.96 -3.35 -13.04
N LEU B 86 -6.50 -4.36 -13.75
CA LEU B 86 -7.27 -4.98 -14.80
C LEU B 86 -7.46 -6.44 -14.48
N GLY B 87 -8.23 -7.14 -15.29
CA GLY B 87 -8.41 -8.55 -15.11
C GLY B 87 -8.33 -9.20 -16.47
N THR B 88 -8.51 -10.52 -16.52
CA THR B 88 -8.57 -11.22 -17.79
C THR B 88 -9.96 -11.81 -17.93
N HIS B 89 -10.30 -12.20 -19.16
CA HIS B 89 -11.54 -12.91 -19.40
C HIS B 89 -11.21 -13.95 -20.46
N THR B 90 -10.91 -15.16 -20.03
CA THR B 90 -10.49 -16.20 -20.96
C THR B 90 -11.57 -17.18 -21.41
N SER B 91 -11.19 -18.00 -22.37
CA SER B 91 -12.05 -19.03 -22.91
C SER B 91 -11.42 -20.39 -22.64
N ASP B 92 -11.51 -20.82 -21.39
CA ASP B 92 -10.96 -22.10 -20.93
C ASP B 92 -9.48 -22.31 -21.25
N GLU B 93 -8.59 -21.62 -20.53
CA GLU B 93 -8.84 -21.13 -19.19
C GLU B 93 -7.71 -20.21 -18.73
N GLN B 94 -7.46 -20.22 -17.42
CA GLN B 94 -6.42 -19.44 -16.73
C GLN B 94 -6.55 -17.91 -16.80
N ASN B 95 -7.16 -17.33 -15.77
CA ASN B 95 -7.33 -15.88 -15.68
C ASN B 95 -6.38 -15.29 -14.64
N HIS B 96 -6.12 -13.99 -14.76
CA HIS B 96 -5.23 -13.32 -13.84
C HIS B 96 -5.80 -11.97 -13.48
N LEU B 97 -5.55 -11.59 -12.23
CA LEU B 97 -5.67 -10.20 -11.80
C LEU B 97 -4.42 -9.48 -12.30
N VAL B 98 -4.58 -8.35 -12.94
CA VAL B 98 -3.47 -7.71 -13.62
C VAL B 98 -3.22 -6.34 -13.08
N ILE B 99 -1.96 -6.03 -12.83
CA ILE B 99 -1.55 -4.68 -12.60
C ILE B 99 -0.68 -4.28 -13.79
N ALA B 100 -1.09 -3.21 -14.45
CA ALA B 100 -0.37 -2.70 -15.58
C ALA B 100 0.04 -1.29 -15.22
N SER B 101 1.24 -0.90 -15.63
CA SER B 101 1.70 0.47 -15.46
C SER B 101 1.59 1.16 -16.80
N VAL B 102 1.26 2.45 -16.78
CA VAL B 102 1.06 3.21 -18.01
C VAL B 102 1.94 4.45 -18.03
N GLN B 103 2.72 4.60 -19.10
CA GLN B 103 3.53 5.79 -19.24
C GLN B 103 2.80 6.80 -20.09
N LEU B 104 2.50 7.96 -19.53
CA LEU B 104 1.81 9.02 -20.25
C LEU B 104 2.75 10.19 -20.52
N PRO B 105 2.78 10.65 -21.78
CA PRO B 105 3.63 11.77 -22.20
C PRO B 105 3.35 13.05 -21.42
N ASN B 106 4.40 13.83 -21.17
CA ASN B 106 4.26 15.08 -20.44
C ASN B 106 3.99 16.23 -21.41
N ASP B 107 3.88 17.44 -20.86
CA ASP B 107 3.63 18.62 -21.69
C ASP B 107 4.67 18.75 -22.80
N ASP B 108 5.94 18.63 -22.43
CA ASP B 108 7.03 18.73 -23.39
C ASP B 108 7.54 17.35 -23.79
N GLY B 131 3.78 7.14 -23.93
CA GLY B 131 4.67 6.05 -24.29
C GLY B 131 3.88 4.77 -24.42
N LYS B 132 4.45 3.68 -23.91
CA LYS B 132 3.86 2.35 -24.13
C LYS B 132 3.48 1.73 -22.77
N ILE B 133 2.55 0.78 -22.78
CA ILE B 133 1.91 0.23 -21.60
C ILE B 133 2.32 -1.22 -21.38
N GLU B 134 2.83 -1.52 -20.20
CA GLU B 134 3.24 -2.89 -19.90
C GLU B 134 2.65 -3.43 -18.59
N ILE B 135 2.82 -4.74 -18.41
CA ILE B 135 2.29 -5.44 -17.26
C ILE B 135 3.29 -5.38 -16.10
N GLU B 136 2.79 -5.11 -14.90
CA GLU B 136 3.66 -5.13 -13.73
C GLU B 136 3.64 -6.46 -12.97
N ILE B 137 2.45 -7.05 -12.87
CA ILE B 137 2.28 -8.33 -12.18
C ILE B 137 0.96 -9.05 -12.49
N LYS B 138 1.05 -10.37 -12.69
CA LYS B 138 -0.12 -11.23 -12.84
C LYS B 138 -0.35 -12.09 -11.60
N ILE B 139 -1.61 -12.20 -11.18
CA ILE B 139 -1.97 -13.03 -10.05
C ILE B 139 -3.06 -14.01 -10.42
N ASN B 140 -2.80 -15.29 -10.20
CA ASN B 140 -3.74 -16.35 -10.58
C ASN B 140 -5.12 -16.10 -9.95
N HIS B 141 -6.16 -16.32 -10.75
CA HIS B 141 -7.53 -15.97 -10.37
C HIS B 141 -8.52 -17.10 -10.72
N GLU B 142 -9.40 -17.44 -9.77
CA GLU B 142 -10.45 -18.43 -9.98
C GLU B 142 -11.51 -17.95 -10.99
N GLY B 143 -11.24 -18.12 -12.29
CA GLY B 143 -12.22 -17.72 -13.29
C GLY B 143 -12.04 -16.27 -13.71
N GLU B 144 -12.90 -15.77 -14.59
CA GLU B 144 -12.76 -14.40 -15.09
C GLU B 144 -12.87 -13.42 -13.93
N VAL B 145 -12.22 -12.27 -14.07
CA VAL B 145 -12.37 -11.23 -13.08
C VAL B 145 -13.55 -10.34 -13.49
N ASN B 146 -14.70 -10.54 -12.84
CA ASN B 146 -15.90 -9.81 -13.19
C ASN B 146 -15.68 -8.33 -12.86
N ARG B 147 -14.92 -8.09 -11.80
CA ARG B 147 -14.58 -6.74 -11.38
C ARG B 147 -13.45 -6.74 -10.37
N ALA B 148 -12.55 -5.75 -10.49
CA ALA B 148 -11.45 -5.57 -9.54
C ALA B 148 -11.52 -4.16 -8.96
N ARG B 149 -11.48 -4.06 -7.63
CA ARG B 149 -11.56 -2.75 -6.97
C ARG B 149 -10.60 -2.65 -5.80
N TYR B 150 -9.72 -1.64 -5.81
CA TYR B 150 -8.83 -1.46 -4.69
C TYR B 150 -9.52 -0.77 -3.50
N MET B 151 -8.98 -1.02 -2.32
CA MET B 151 -9.45 -0.34 -1.13
C MET B 151 -8.74 1.00 -0.95
N PRO B 152 -9.51 2.08 -0.79
CA PRO B 152 -8.93 3.41 -0.63
C PRO B 152 -7.97 3.50 0.56
N GLN B 153 -8.31 2.83 1.66
CA GLN B 153 -7.52 2.90 2.89
C GLN B 153 -6.26 2.05 2.75
N ASN B 154 -6.29 1.07 1.85
CA ASN B 154 -5.05 0.35 1.54
C ASN B 154 -5.09 -0.17 0.12
N PRO B 155 -4.51 0.59 -0.81
CA PRO B 155 -4.57 0.33 -2.25
C PRO B 155 -3.77 -0.91 -2.64
N CYS B 156 -3.15 -1.53 -1.65
CA CYS B 156 -2.47 -2.79 -1.87
C CYS B 156 -3.57 -3.83 -1.94
N ILE B 157 -4.63 -3.57 -1.17
CA ILE B 157 -5.80 -4.42 -1.15
C ILE B 157 -6.72 -4.22 -2.33
N ILE B 158 -7.01 -5.33 -2.98
CA ILE B 158 -7.90 -5.38 -4.12
C ILE B 158 -8.91 -6.48 -3.89
N ALA B 159 -10.17 -6.18 -4.10
CA ALA B 159 -11.21 -7.20 -4.00
C ALA B 159 -11.70 -7.48 -5.41
N THR B 160 -11.95 -8.74 -5.70
CA THR B 160 -12.39 -9.16 -7.03
C THR B 160 -13.69 -9.97 -6.96
N LYS B 161 -14.49 -9.84 -8.00
CA LYS B 161 -15.69 -10.66 -8.18
C LYS B 161 -15.42 -11.74 -9.24
N THR B 162 -15.64 -13.00 -8.89
CA THR B 162 -15.41 -14.11 -9.81
C THR B 162 -16.78 -14.57 -10.37
N PRO B 163 -16.79 -15.51 -11.33
CA PRO B 163 -18.11 -16.01 -11.73
C PRO B 163 -18.62 -17.09 -10.78
N SER B 164 -17.79 -17.48 -9.82
CA SER B 164 -17.99 -18.66 -8.98
C SER B 164 -18.67 -18.51 -7.63
N SER B 165 -19.46 -17.46 -7.45
CA SER B 165 -20.16 -17.14 -6.19
C SER B 165 -19.28 -16.35 -5.20
N ASP B 166 -18.03 -16.77 -5.11
CA ASP B 166 -17.07 -16.21 -4.18
C ASP B 166 -16.71 -14.72 -4.43
N VAL B 167 -16.58 -13.96 -3.36
CA VAL B 167 -15.86 -12.70 -3.45
C VAL B 167 -14.48 -12.89 -2.79
N LEU B 168 -13.44 -12.53 -3.54
CA LEU B 168 -12.08 -12.76 -3.12
C LEU B 168 -11.38 -11.48 -2.78
N VAL B 169 -10.46 -11.56 -1.82
CA VAL B 169 -9.68 -10.39 -1.48
C VAL B 169 -8.20 -10.68 -1.69
N PHE B 170 -7.55 -9.84 -2.50
CA PHE B 170 -6.13 -9.96 -2.78
C PHE B 170 -5.38 -8.76 -2.21
N ASP B 171 -4.13 -9.04 -1.82
CA ASP B 171 -3.05 -8.10 -1.54
C ASP B 171 -1.93 -8.46 -2.53
N TYR B 172 -1.75 -7.67 -3.58
CA TYR B 172 -0.84 -8.04 -4.69
C TYR B 172 0.63 -7.95 -4.33
N THR B 173 0.91 -7.29 -3.22
CA THR B 173 2.26 -7.19 -2.71
C THR B 173 2.66 -8.48 -1.97
N LYS B 174 1.80 -9.50 -2.04
CA LYS B 174 2.03 -10.73 -1.31
C LYS B 174 1.90 -11.93 -2.24
N HIS B 175 2.17 -11.68 -3.51
CA HIS B 175 2.11 -12.66 -4.61
C HIS B 175 3.27 -12.36 -5.58
N PRO B 176 3.82 -13.37 -6.27
CA PRO B 176 4.96 -13.15 -7.20
C PRO B 176 4.58 -12.39 -8.47
N SER B 177 5.51 -11.62 -9.04
CA SER B 177 5.27 -11.00 -10.33
C SER B 177 5.09 -12.08 -11.39
N LYS B 178 5.76 -13.21 -11.18
CA LYS B 178 5.62 -14.41 -12.00
C LYS B 178 4.73 -15.46 -11.31
N PRO B 179 3.49 -15.62 -11.79
CA PRO B 179 2.49 -16.50 -11.20
C PRO B 179 2.87 -17.97 -11.24
N ASP B 180 2.42 -18.74 -10.25
CA ASP B 180 2.63 -20.17 -10.21
C ASP B 180 1.88 -20.82 -11.36
N PRO B 181 2.61 -21.45 -12.29
CA PRO B 181 2.11 -22.08 -13.53
C PRO B 181 1.06 -23.16 -13.29
N SER B 182 1.00 -23.66 -12.07
CA SER B 182 -0.04 -24.60 -11.68
C SER B 182 -1.44 -24.03 -11.98
N GLY B 183 -1.54 -22.71 -11.91
CA GLY B 183 -2.80 -22.02 -12.18
C GLY B 183 -3.58 -21.81 -10.90
N GLU B 184 -2.99 -22.26 -9.80
CA GLU B 184 -3.66 -22.19 -8.50
C GLU B 184 -3.95 -20.78 -7.97
N CYS B 185 -5.15 -20.61 -7.44
CA CYS B 185 -5.56 -19.38 -6.78
C CYS B 185 -5.53 -19.51 -5.26
N ASN B 186 -4.77 -18.62 -4.64
CA ASN B 186 -4.67 -18.55 -3.19
C ASN B 186 -4.98 -17.12 -2.70
N PRO B 187 -6.27 -16.81 -2.54
CA PRO B 187 -6.75 -15.49 -2.11
C PRO B 187 -6.54 -15.31 -0.63
N ASP B 188 -6.38 -14.08 -0.16
CA ASP B 188 -6.12 -13.78 1.24
C ASP B 188 -7.41 -13.84 2.08
N LEU B 189 -8.55 -13.68 1.41
CA LEU B 189 -9.83 -13.83 2.06
C LEU B 189 -10.85 -14.44 1.09
N ARG B 190 -11.84 -15.14 1.63
CA ARG B 190 -12.92 -15.69 0.84
C ARG B 190 -14.19 -15.21 1.49
N LEU B 191 -14.91 -14.37 0.77
CA LEU B 191 -16.09 -13.72 1.33
C LEU B 191 -17.32 -14.48 0.87
N ARG B 192 -18.13 -14.91 1.83
CA ARG B 192 -19.29 -15.74 1.53
C ARG B 192 -20.65 -15.09 1.85
N GLY B 193 -21.59 -15.31 0.96
CA GLY B 193 -22.93 -14.83 1.14
C GLY B 193 -23.75 -15.06 -0.10
N HIS B 194 -23.09 -15.03 -1.26
CA HIS B 194 -23.83 -15.10 -2.51
C HIS B 194 -23.96 -16.52 -2.97
N GLN B 195 -24.93 -16.74 -3.86
CA GLN B 195 -25.16 -18.02 -4.48
C GLN B 195 -24.72 -17.98 -5.94
N LYS B 196 -24.64 -16.77 -6.46
CA LYS B 196 -24.32 -16.55 -7.86
C LYS B 196 -23.27 -15.49 -8.01
N GLU B 197 -22.70 -15.42 -9.20
CA GLU B 197 -21.79 -14.33 -9.55
C GLU B 197 -22.50 -13.00 -9.50
N GLY B 198 -21.72 -11.93 -9.52
CA GLY B 198 -22.27 -10.59 -9.52
C GLY B 198 -21.25 -9.67 -10.18
N TYR B 199 -21.54 -8.37 -10.17
CA TYR B 199 -20.64 -7.40 -10.77
C TYR B 199 -20.40 -6.27 -9.81
N GLY B 200 -21.49 -5.60 -9.43
CA GLY B 200 -21.46 -4.54 -8.45
C GLY B 200 -20.57 -4.90 -7.28
N LEU B 201 -19.72 -3.95 -6.91
CA LEU B 201 -18.74 -4.07 -5.84
C LEU B 201 -18.37 -2.65 -5.41
N SER B 202 -18.10 -2.44 -4.12
CA SER B 202 -17.77 -1.11 -3.62
C SER B 202 -17.14 -1.10 -2.22
N TRP B 203 -15.94 -0.56 -2.10
CA TRP B 203 -15.33 -0.34 -0.79
C TRP B 203 -15.90 0.90 -0.10
N ASN B 204 -16.03 0.85 1.23
CA ASN B 204 -16.50 2.02 1.96
C ASN B 204 -15.38 3.00 2.27
N PRO B 205 -15.47 4.21 1.68
CA PRO B 205 -14.44 5.24 1.86
C PRO B 205 -14.39 5.83 3.28
N ASN B 206 -15.43 5.63 4.06
CA ASN B 206 -15.51 6.23 5.38
C ASN B 206 -15.61 5.20 6.52
N LEU B 207 -15.52 3.93 6.14
CA LEU B 207 -15.33 2.84 7.08
C LEU B 207 -14.37 1.82 6.50
N SER B 208 -13.09 1.95 6.84
CA SER B 208 -12.06 1.03 6.38
C SER B 208 -12.45 -0.46 6.49
N GLY B 209 -12.28 -1.20 5.40
CA GLY B 209 -12.43 -2.64 5.45
C GLY B 209 -13.82 -3.15 5.15
N HIS B 210 -14.79 -2.26 5.09
CA HIS B 210 -16.16 -2.65 4.81
C HIS B 210 -16.42 -2.77 3.33
N LEU B 211 -16.89 -3.93 2.90
CA LEU B 211 -17.11 -4.21 1.48
C LEU B 211 -18.55 -4.55 1.15
N LEU B 212 -19.07 -3.92 0.09
CA LEU B 212 -20.39 -4.28 -0.44
C LEU B 212 -20.23 -4.98 -1.76
N SER B 213 -21.08 -5.99 -1.99
CA SER B 213 -21.08 -6.72 -3.24
C SER B 213 -22.53 -6.84 -3.68
N ALA B 214 -22.74 -6.81 -5.01
CA ALA B 214 -24.04 -6.98 -5.66
C ALA B 214 -24.07 -8.30 -6.41
N SER B 215 -25.26 -8.88 -6.66
CA SER B 215 -25.26 -10.24 -7.20
C SER B 215 -26.50 -10.68 -7.99
N ASP B 216 -26.33 -11.72 -8.80
CA ASP B 216 -27.43 -12.35 -9.54
C ASP B 216 -28.47 -13.08 -8.67
N ASP B 217 -28.08 -13.44 -7.45
CA ASP B 217 -28.93 -14.16 -6.51
C ASP B 217 -29.98 -13.22 -5.89
N HIS B 218 -30.03 -12.00 -6.41
CA HIS B 218 -30.95 -10.93 -6.00
C HIS B 218 -30.49 -10.23 -4.71
N THR B 219 -29.35 -10.60 -4.17
CA THR B 219 -28.99 -10.08 -2.86
C THR B 219 -27.79 -9.15 -2.91
N ILE B 220 -27.70 -8.28 -1.91
CA ILE B 220 -26.51 -7.46 -1.68
C ILE B 220 -25.87 -7.93 -0.39
N CYS B 221 -24.54 -8.05 -0.37
CA CYS B 221 -23.89 -8.52 0.85
C CYS B 221 -22.95 -7.46 1.44
N LEU B 222 -22.88 -7.41 2.77
CA LEU B 222 -21.93 -6.55 3.48
C LEU B 222 -20.85 -7.38 4.17
N TRP B 223 -19.60 -6.99 3.99
CA TRP B 223 -18.52 -7.54 4.79
C TRP B 223 -17.72 -6.46 5.48
N ASP B 224 -17.31 -6.71 6.73
CA ASP B 224 -16.16 -5.99 7.28
C ASP B 224 -15.16 -7.10 7.54
N ILE B 225 -14.05 -7.05 6.80
CA ILE B 225 -13.12 -8.15 6.78
C ILE B 225 -12.23 -8.24 8.02
N SER B 226 -12.52 -7.39 9.01
CA SER B 226 -11.75 -7.36 10.25
C SER B 226 -12.11 -8.55 11.14
N ALA B 227 -12.18 -9.73 10.53
CA ALA B 227 -12.52 -10.94 11.27
C ALA B 227 -11.58 -12.09 10.90
N VAL B 228 -11.86 -13.27 11.43
CA VAL B 228 -11.05 -14.45 11.17
C VAL B 228 -10.89 -14.69 9.67
N GLY B 232 -11.04 -22.01 5.40
CA GLY B 232 -9.75 -21.55 5.92
C GLY B 232 -9.75 -20.05 6.20
N LYS B 233 -9.40 -19.28 5.17
CA LYS B 233 -9.46 -17.82 5.20
C LYS B 233 -10.87 -17.35 4.85
N VAL B 234 -11.87 -17.75 5.64
CA VAL B 234 -13.27 -17.50 5.30
C VAL B 234 -13.99 -16.54 6.25
N VAL B 235 -14.57 -15.49 5.67
CA VAL B 235 -15.39 -14.51 6.39
C VAL B 235 -16.80 -14.43 5.83
N ASP B 236 -17.79 -14.48 6.72
CA ASP B 236 -19.19 -14.42 6.33
C ASP B 236 -19.81 -13.03 6.38
N ALA B 237 -20.77 -12.80 5.49
CA ALA B 237 -21.49 -11.53 5.40
C ALA B 237 -21.93 -11.06 6.78
N LYS B 238 -21.64 -9.78 7.04
CA LYS B 238 -22.10 -9.16 8.26
C LYS B 238 -23.60 -9.04 8.09
N THR B 239 -23.99 -8.65 6.88
CA THR B 239 -25.38 -8.36 6.57
C THR B 239 -25.73 -8.67 5.11
N ILE B 240 -26.96 -9.09 4.88
CA ILE B 240 -27.46 -9.41 3.55
C ILE B 240 -28.77 -8.69 3.29
N PHE B 241 -28.73 -7.72 2.38
CA PHE B 241 -29.89 -6.89 2.04
C PHE B 241 -30.74 -7.49 0.91
N THR B 242 -31.94 -7.90 1.25
CA THR B 242 -32.72 -8.74 0.36
C THR B 242 -33.83 -7.97 -0.34
N GLY B 243 -33.67 -6.65 -0.35
CA GLY B 243 -34.63 -5.72 -0.93
C GLY B 243 -35.06 -6.02 -2.35
N HIS B 244 -34.10 -6.11 -3.26
CA HIS B 244 -34.38 -6.37 -4.66
C HIS B 244 -35.10 -7.70 -4.93
N THR B 245 -35.80 -7.79 -6.05
CA THR B 245 -36.52 -9.01 -6.39
C THR B 245 -35.96 -9.69 -7.63
N ALA B 246 -35.04 -9.01 -8.31
CA ALA B 246 -34.39 -9.58 -9.48
C ALA B 246 -32.87 -9.46 -9.28
N VAL B 247 -32.10 -9.78 -10.32
CA VAL B 247 -30.64 -9.64 -10.26
C VAL B 247 -30.23 -8.23 -9.85
N VAL B 248 -29.34 -8.11 -8.85
CA VAL B 248 -28.78 -6.81 -8.48
C VAL B 248 -27.53 -6.48 -9.34
N GLU B 249 -27.60 -5.37 -10.08
CA GLU B 249 -26.56 -5.11 -11.09
C GLU B 249 -25.32 -4.33 -10.67
N ASP B 250 -25.49 -3.45 -9.69
CA ASP B 250 -24.41 -2.62 -9.19
C ASP B 250 -24.75 -2.15 -7.78
N VAL B 251 -23.71 -1.83 -7.03
CA VAL B 251 -23.87 -1.31 -5.68
C VAL B 251 -22.74 -0.34 -5.48
N SER B 252 -23.03 0.75 -4.78
CA SER B 252 -21.99 1.73 -4.47
C SER B 252 -22.20 2.43 -3.14
N TRP B 253 -21.11 2.66 -2.41
CA TRP B 253 -21.21 3.41 -1.16
C TRP B 253 -21.49 4.90 -1.41
N HIS B 254 -22.16 5.57 -0.49
CA HIS B 254 -22.16 7.03 -0.58
C HIS B 254 -20.78 7.54 -0.21
N LEU B 255 -20.43 8.73 -0.68
CA LEU B 255 -19.07 9.24 -0.63
C LEU B 255 -18.76 10.06 0.61
N LEU B 256 -19.80 10.47 1.35
CA LEU B 256 -19.55 11.13 2.62
C LEU B 256 -20.19 10.43 3.80
N HIS B 257 -21.29 9.75 3.53
CA HIS B 257 -22.03 9.13 4.60
C HIS B 257 -21.85 7.66 4.69
N GLU B 258 -21.08 7.30 5.72
CA GLU B 258 -20.69 5.95 6.09
C GLU B 258 -21.86 4.97 6.08
N SER B 259 -23.07 5.51 6.27
CA SER B 259 -24.26 4.69 6.51
C SER B 259 -25.08 4.39 5.25
N LEU B 260 -24.97 5.25 4.26
CA LEU B 260 -25.82 5.15 3.08
C LEU B 260 -25.09 4.50 1.91
N PHE B 261 -25.81 3.66 1.17
CA PHE B 261 -25.37 3.20 -0.13
C PHE B 261 -26.59 2.95 -1.03
N GLY B 262 -26.36 2.82 -2.34
CA GLY B 262 -27.45 2.65 -3.29
C GLY B 262 -27.19 1.50 -4.23
N SER B 263 -28.24 0.78 -4.59
CA SER B 263 -28.12 -0.37 -5.48
C SER B 263 -29.03 -0.24 -6.69
N VAL B 264 -28.73 -1.02 -7.72
CA VAL B 264 -29.57 -1.10 -8.90
C VAL B 264 -29.80 -2.58 -9.30
N ALA B 265 -30.98 -2.86 -9.83
CA ALA B 265 -31.32 -4.24 -10.15
C ALA B 265 -32.19 -4.34 -11.42
N ASP B 266 -32.29 -5.56 -11.97
CA ASP B 266 -33.00 -5.82 -13.23
C ASP B 266 -34.51 -5.55 -13.13
N ASP B 267 -34.98 -5.29 -11.91
CA ASP B 267 -36.38 -4.93 -11.65
C ASP B 267 -36.62 -3.45 -11.90
N GLN B 268 -35.64 -2.79 -12.52
CA GLN B 268 -35.76 -1.40 -12.97
C GLN B 268 -35.74 -0.45 -11.78
N LYS B 269 -35.17 -0.90 -10.66
CA LYS B 269 -35.25 -0.11 -9.43
C LYS B 269 -33.94 0.47 -8.89
N LEU B 270 -34.10 1.67 -8.35
CA LEU B 270 -33.10 2.31 -7.51
C LEU B 270 -33.55 2.22 -6.06
N MET B 271 -32.75 1.58 -5.22
CA MET B 271 -33.05 1.58 -3.80
C MET B 271 -31.90 2.19 -3.02
N ILE B 272 -32.23 3.09 -2.10
CA ILE B 272 -31.25 3.72 -1.24
C ILE B 272 -31.27 3.03 0.11
N TRP B 273 -30.10 2.58 0.57
CA TRP B 273 -30.06 1.84 1.82
C TRP B 273 -29.38 2.63 2.94
N ASP B 274 -29.82 2.37 4.18
CA ASP B 274 -29.13 2.85 5.38
C ASP B 274 -28.74 1.66 6.23
N THR B 275 -27.48 1.62 6.69
CA THR B 275 -27.01 0.42 7.41
C THR B 275 -27.44 0.30 8.89
N ARG B 276 -27.85 1.41 9.50
CA ARG B 276 -28.38 1.40 10.86
C ARG B 276 -29.69 0.63 10.87
N SER B 277 -30.47 0.81 9.81
CA SER B 277 -31.73 0.11 9.66
C SER B 277 -31.63 -1.35 10.05
N ASN B 278 -32.63 -1.73 10.81
CA ASN B 278 -32.85 -3.06 11.31
C ASN B 278 -33.53 -3.99 10.34
N ASN B 279 -34.06 -3.38 9.30
CA ASN B 279 -34.72 -4.11 8.22
C ASN B 279 -33.80 -4.26 7.01
N THR B 280 -33.53 -5.51 6.66
CA THR B 280 -32.64 -5.85 5.56
C THR B 280 -33.47 -6.37 4.41
N SER B 281 -34.78 -6.18 4.55
CA SER B 281 -35.76 -6.67 3.60
C SER B 281 -36.44 -5.48 2.91
N LYS B 282 -36.13 -4.26 3.37
CA LYS B 282 -36.74 -3.03 2.89
C LYS B 282 -35.85 -1.79 3.06
N PRO B 283 -35.43 -1.17 1.96
CA PRO B 283 -34.56 0.02 1.93
C PRO B 283 -35.28 1.34 2.26
N SER B 284 -34.51 2.38 2.60
CA SER B 284 -35.08 3.67 2.96
C SER B 284 -35.93 4.25 1.84
N HIS B 285 -35.46 4.10 0.61
CA HIS B 285 -36.26 4.56 -0.52
C HIS B 285 -36.27 3.56 -1.64
N SER B 286 -37.17 3.83 -2.59
CA SER B 286 -37.48 2.95 -3.71
C SER B 286 -37.85 3.82 -4.90
N VAL B 287 -37.28 3.49 -6.05
CA VAL B 287 -37.59 4.24 -7.27
C VAL B 287 -37.78 3.26 -8.39
N ASP B 288 -38.68 3.60 -9.31
CA ASP B 288 -38.69 2.92 -10.59
C ASP B 288 -37.80 3.75 -11.50
N ALA B 289 -36.54 3.33 -11.59
CA ALA B 289 -35.49 4.16 -12.15
C ALA B 289 -35.54 4.21 -13.67
N HIS B 290 -35.80 3.07 -14.30
CA HIS B 290 -35.80 3.01 -15.77
C HIS B 290 -36.94 2.17 -16.34
N THR B 291 -37.06 2.15 -17.66
CA THR B 291 -38.12 1.40 -18.31
C THR B 291 -37.57 0.06 -18.77
N ALA B 292 -36.47 -0.35 -18.12
CA ALA B 292 -35.74 -1.60 -18.40
C ALA B 292 -34.66 -1.81 -17.31
N GLU B 293 -33.76 -2.78 -17.49
CA GLU B 293 -32.73 -3.07 -16.48
C GLU B 293 -31.86 -1.84 -16.12
N VAL B 294 -31.55 -1.70 -14.81
CA VAL B 294 -30.62 -0.65 -14.33
C VAL B 294 -29.30 -1.30 -13.90
N ASN B 295 -28.21 -0.97 -14.60
CA ASN B 295 -26.96 -1.74 -14.58
C ASN B 295 -25.80 -1.17 -13.78
N CYS B 296 -25.85 0.13 -13.51
CA CYS B 296 -24.78 0.79 -12.77
C CYS B 296 -25.28 2.07 -12.13
N LEU B 297 -24.60 2.52 -11.08
CA LEU B 297 -24.89 3.85 -10.52
C LEU B 297 -23.63 4.48 -9.94
N SER B 298 -23.65 5.80 -9.82
CA SER B 298 -22.48 6.56 -9.39
C SER B 298 -22.83 7.87 -8.69
N PHE B 299 -22.52 7.96 -7.41
CA PHE B 299 -22.81 9.18 -6.66
C PHE B 299 -21.90 10.33 -7.08
N ASN B 300 -22.44 11.54 -7.06
CA ASN B 300 -21.66 12.72 -7.40
C ASN B 300 -20.61 12.98 -6.31
N PRO B 301 -19.32 12.94 -6.70
CA PRO B 301 -18.15 13.03 -5.82
C PRO B 301 -18.03 14.40 -5.21
N TYR B 302 -18.89 15.34 -5.65
CA TYR B 302 -18.98 16.68 -5.06
C TYR B 302 -20.38 17.15 -4.51
N SER B 303 -21.49 16.55 -4.98
CA SER B 303 -22.81 17.02 -4.62
C SER B 303 -23.57 15.91 -3.88
N GLU B 304 -23.71 16.03 -2.55
CA GLU B 304 -24.05 14.84 -1.78
C GLU B 304 -25.45 14.27 -2.08
N PHE B 305 -26.32 15.04 -2.73
CA PHE B 305 -27.69 14.58 -3.04
C PHE B 305 -27.84 14.05 -4.48
N ILE B 306 -26.79 14.15 -5.29
CA ILE B 306 -26.92 13.84 -6.71
C ILE B 306 -26.24 12.53 -7.09
N LEU B 307 -26.98 11.64 -7.73
CA LEU B 307 -26.41 10.40 -8.25
C LEU B 307 -26.89 10.13 -9.67
N ALA B 308 -26.23 9.22 -10.36
CA ALA B 308 -26.67 8.85 -11.72
C ALA B 308 -26.81 7.35 -11.88
N THR B 309 -27.72 6.96 -12.78
CA THR B 309 -28.00 5.57 -13.02
C THR B 309 -27.84 5.30 -14.49
N GLY B 310 -27.53 4.04 -14.81
CA GLY B 310 -27.32 3.61 -16.18
C GLY B 310 -28.17 2.39 -16.49
N SER B 311 -28.75 2.37 -17.69
CA SER B 311 -29.82 1.41 -17.93
C SER B 311 -29.79 0.72 -19.25
N ALA B 312 -30.46 -0.42 -19.25
CA ALA B 312 -30.68 -1.20 -20.45
C ALA B 312 -31.58 -0.46 -21.39
N ASP B 313 -32.19 0.63 -20.92
CA ASP B 313 -33.08 1.44 -21.75
C ASP B 313 -32.32 2.54 -22.53
N LYS B 314 -30.99 2.49 -22.48
CA LYS B 314 -30.09 3.39 -23.21
C LYS B 314 -30.08 4.81 -22.63
N THR B 315 -30.67 5.03 -21.46
CA THR B 315 -30.70 6.39 -20.94
C THR B 315 -29.86 6.50 -19.69
N VAL B 316 -29.41 7.71 -19.39
CA VAL B 316 -28.73 7.95 -18.13
C VAL B 316 -29.67 8.80 -17.29
N ALA B 317 -30.06 8.27 -16.13
CA ALA B 317 -31.00 8.97 -15.27
C ALA B 317 -30.26 9.67 -14.15
N LEU B 318 -30.51 10.97 -14.05
CA LEU B 318 -29.98 11.81 -13.00
C LEU B 318 -30.95 11.80 -11.81
N TRP B 319 -30.45 11.64 -10.60
CA TRP B 319 -31.35 11.57 -9.45
C TRP B 319 -31.03 12.55 -8.33
N ASP B 320 -32.06 13.01 -7.62
CA ASP B 320 -31.85 13.85 -6.44
C ASP B 320 -32.34 13.07 -5.22
N LEU B 321 -31.42 12.75 -4.33
CA LEU B 321 -31.72 11.96 -3.16
C LEU B 321 -32.87 12.56 -2.35
N ARG B 322 -32.96 13.89 -2.37
CA ARG B 322 -33.92 14.63 -1.54
C ARG B 322 -35.35 14.44 -2.00
N ASN B 323 -35.51 13.89 -3.19
CA ASN B 323 -36.81 13.64 -3.78
C ASN B 323 -36.68 12.74 -5.00
N LEU B 324 -36.85 11.45 -4.76
CA LEU B 324 -36.62 10.43 -5.77
C LEU B 324 -37.87 10.12 -6.58
N LYS B 325 -38.96 10.82 -6.25
CA LYS B 325 -40.22 10.61 -6.97
C LYS B 325 -40.17 11.30 -8.33
N LEU B 326 -39.28 12.27 -8.47
CA LEU B 326 -39.12 13.02 -9.71
C LEU B 326 -37.71 12.92 -10.30
N LYS B 327 -37.62 12.35 -11.50
CA LYS B 327 -36.33 12.24 -12.20
C LYS B 327 -35.82 13.60 -12.67
N LEU B 328 -34.61 13.95 -12.26
CA LEU B 328 -34.00 15.21 -12.65
C LEU B 328 -33.75 15.33 -14.17
N HIS B 329 -33.35 14.22 -14.79
CA HIS B 329 -32.94 14.26 -16.19
C HIS B 329 -32.74 12.89 -16.79
N SER B 330 -32.81 12.83 -18.12
CA SER B 330 -32.52 11.63 -18.88
C SER B 330 -31.59 11.98 -20.03
N PHE B 331 -30.34 11.52 -19.94
CA PHE B 331 -29.40 11.77 -21.02
C PHE B 331 -29.69 10.75 -22.11
N GLU B 332 -30.18 11.20 -23.25
CA GLU B 332 -30.46 10.29 -24.35
C GLU B 332 -29.52 10.53 -25.53
N SER B 333 -28.77 9.50 -25.89
CA SER B 333 -27.93 9.54 -27.09
C SER B 333 -27.31 8.17 -27.40
N HIS B 334 -27.07 7.35 -26.38
CA HIS B 334 -26.58 5.99 -26.61
C HIS B 334 -27.57 5.26 -27.50
N LYS B 335 -27.07 4.30 -28.29
CA LYS B 335 -27.93 3.60 -29.24
C LYS B 335 -28.12 2.17 -28.78
N ASP B 336 -27.55 1.86 -27.64
CA ASP B 336 -27.74 0.54 -27.06
C ASP B 336 -27.51 0.54 -25.55
N GLU B 337 -27.51 -0.65 -24.95
CA GLU B 337 -27.42 -0.78 -23.51
C GLU B 337 -26.27 0.06 -22.93
N ILE B 338 -26.45 0.46 -21.67
CA ILE B 338 -25.43 1.16 -20.91
C ILE B 338 -25.06 0.27 -19.72
N PHE B 339 -23.78 0.07 -19.49
CA PHE B 339 -23.27 -0.82 -18.43
C PHE B 339 -22.34 -0.14 -17.42
N GLN B 340 -21.79 1.01 -17.78
CA GLN B 340 -20.98 1.79 -16.85
C GLN B 340 -21.24 3.29 -16.89
N VAL B 341 -21.14 3.92 -15.72
CA VAL B 341 -21.27 5.36 -15.59
C VAL B 341 -20.34 5.82 -14.47
N GLN B 342 -19.58 6.87 -14.74
CA GLN B 342 -18.65 7.43 -13.77
C GLN B 342 -18.70 8.94 -13.84
N TRP B 343 -18.70 9.57 -12.67
CA TRP B 343 -18.50 11.01 -12.60
C TRP B 343 -17.02 11.34 -12.79
N SER B 344 -16.75 12.44 -13.50
CA SER B 344 -15.39 12.96 -13.54
C SER B 344 -15.06 13.42 -12.14
N PRO B 345 -13.85 13.09 -11.65
CA PRO B 345 -13.35 13.45 -10.32
C PRO B 345 -12.75 14.84 -10.27
N HIS B 346 -12.80 15.52 -11.42
CA HIS B 346 -12.25 16.87 -11.53
C HIS B 346 -13.34 17.94 -11.66
N ASN B 347 -14.32 17.70 -12.50
CA ASN B 347 -15.28 18.75 -12.77
C ASN B 347 -16.70 18.33 -12.41
N GLU B 348 -17.35 19.15 -11.58
CA GLU B 348 -18.59 18.73 -10.92
C GLU B 348 -19.76 18.44 -11.84
N THR B 349 -19.64 18.91 -13.08
CA THR B 349 -20.72 18.79 -14.03
C THR B 349 -20.36 17.89 -15.18
N ILE B 350 -19.36 17.05 -14.99
CA ILE B 350 -18.95 16.13 -16.04
C ILE B 350 -19.20 14.67 -15.68
N LEU B 351 -19.79 13.97 -16.63
CA LEU B 351 -20.22 12.60 -16.44
C LEU B 351 -19.91 11.79 -17.70
N ALA B 352 -19.54 10.52 -17.55
CA ALA B 352 -19.33 9.67 -18.70
C ALA B 352 -20.12 8.37 -18.55
N SER B 353 -20.36 7.74 -19.70
CA SER B 353 -21.12 6.49 -19.75
C SER B 353 -20.67 5.58 -20.92
N SER B 354 -20.93 4.29 -20.82
CA SER B 354 -20.46 3.38 -21.87
C SER B 354 -21.33 2.14 -22.01
N GLY B 355 -21.15 1.41 -23.11
CA GLY B 355 -21.88 0.17 -23.28
C GLY B 355 -21.83 -0.56 -24.62
N THR B 356 -22.92 -1.26 -24.91
CA THR B 356 -23.04 -2.14 -26.06
C THR B 356 -22.88 -1.44 -27.40
N ASP B 357 -23.37 -0.21 -27.50
CA ASP B 357 -23.26 0.53 -28.75
C ASP B 357 -21.82 0.96 -29.01
N ARG B 358 -20.88 0.31 -28.33
CA ARG B 358 -19.45 0.42 -28.59
C ARG B 358 -18.93 1.86 -28.49
N ARG B 359 -19.62 2.66 -27.69
CA ARG B 359 -19.27 4.07 -27.58
C ARG B 359 -19.20 4.53 -26.14
N LEU B 360 -18.51 5.64 -25.94
CA LEU B 360 -18.42 6.26 -24.65
C LEU B 360 -18.90 7.69 -24.77
N ASN B 361 -20.00 8.01 -24.11
CA ASN B 361 -20.50 9.38 -24.16
C ASN B 361 -20.00 10.17 -22.94
N VAL B 362 -19.57 11.41 -23.18
CA VAL B 362 -19.20 12.30 -22.09
C VAL B 362 -20.19 13.47 -22.03
N TRP B 363 -20.81 13.67 -20.87
CA TRP B 363 -21.83 14.68 -20.71
C TRP B 363 -21.32 15.81 -19.81
N ASP B 364 -21.76 17.02 -20.11
CA ASP B 364 -21.63 18.16 -19.20
C ASP B 364 -23.07 18.63 -18.93
N LEU B 365 -23.51 18.49 -17.68
CA LEU B 365 -24.93 18.65 -17.36
C LEU B 365 -25.32 20.11 -17.16
N SER B 366 -24.33 21.00 -17.24
CA SER B 366 -24.59 22.43 -17.13
C SER B 366 -25.12 23.01 -18.44
N LYS B 367 -24.89 22.31 -19.55
CA LYS B 367 -25.45 22.75 -20.81
C LYS B 367 -26.76 22.04 -21.12
N ILE B 368 -27.47 21.65 -20.06
CA ILE B 368 -28.82 21.16 -20.20
C ILE B 368 -29.77 22.33 -20.42
N GLY B 369 -30.44 22.33 -21.58
CA GLY B 369 -31.42 23.34 -21.87
C GLY B 369 -30.96 24.41 -22.83
N GLU B 370 -29.67 24.41 -23.15
CA GLU B 370 -29.13 25.40 -24.08
C GLU B 370 -29.76 25.29 -25.46
N GLU B 371 -29.96 26.42 -26.12
CA GLU B 371 -30.59 26.39 -27.42
C GLU B 371 -29.55 26.04 -28.48
N GLN B 372 -30.03 25.36 -29.52
CA GLN B 372 -29.20 25.02 -30.68
C GLN B 372 -30.10 25.03 -31.92
N SER B 373 -29.46 25.24 -33.06
CA SER B 373 -30.09 25.21 -34.39
C SER B 373 -31.32 24.32 -34.54
N GLU B 378 -30.25 19.23 -32.42
CA GLU B 378 -29.76 18.94 -33.77
C GLU B 378 -29.36 17.47 -33.94
N ASP B 379 -28.05 17.24 -33.94
CA ASP B 379 -27.47 15.89 -34.06
C ASP B 379 -27.33 15.24 -32.68
N GLY B 380 -28.04 15.76 -31.69
CA GLY B 380 -27.96 15.22 -30.36
C GLY B 380 -28.20 16.29 -29.32
N PRO B 381 -28.31 15.88 -28.04
CA PRO B 381 -28.62 16.83 -26.97
C PRO B 381 -27.57 17.95 -26.84
N PRO B 382 -27.96 19.06 -26.21
CA PRO B 382 -26.96 20.11 -26.01
C PRO B 382 -25.91 19.69 -25.00
N GLU B 383 -26.34 18.96 -23.98
CA GLU B 383 -25.43 18.54 -22.90
C GLU B 383 -24.42 17.51 -23.37
N LEU B 384 -24.57 17.07 -24.61
CA LEU B 384 -23.65 16.07 -25.16
C LEU B 384 -22.33 16.71 -25.60
N LEU B 385 -21.27 16.40 -24.87
CA LEU B 385 -20.03 17.12 -25.04
C LEU B 385 -19.14 16.37 -26.01
N PHE B 386 -19.13 15.04 -25.90
CA PHE B 386 -18.25 14.24 -26.72
C PHE B 386 -18.68 12.79 -26.88
N ILE B 387 -18.47 12.26 -28.09
CA ILE B 387 -18.68 10.85 -28.32
C ILE B 387 -17.36 10.17 -28.69
N HIS B 388 -16.86 9.31 -27.82
CA HIS B 388 -15.66 8.54 -28.10
C HIS B 388 -16.02 7.28 -28.88
N GLY B 389 -15.72 7.25 -30.18
CA GLY B 389 -16.01 6.11 -31.02
C GLY B 389 -14.83 5.20 -31.31
N GLY B 390 -13.89 5.09 -30.37
CA GLY B 390 -12.65 4.38 -30.61
C GLY B 390 -12.66 2.86 -30.60
N HIS B 391 -13.67 2.28 -29.96
CA HIS B 391 -13.76 0.83 -29.80
C HIS B 391 -14.60 0.19 -30.90
N THR B 392 -14.19 -0.98 -31.37
CA THR B 392 -14.99 -1.73 -32.35
C THR B 392 -15.72 -2.88 -31.68
N ALA B 393 -15.96 -2.75 -30.38
CA ALA B 393 -16.77 -3.71 -29.65
C ALA B 393 -17.44 -3.05 -28.47
N LYS B 394 -18.34 -3.79 -27.84
CA LYS B 394 -18.95 -3.43 -26.56
C LYS B 394 -17.92 -3.10 -25.47
N ILE B 395 -18.07 -1.95 -24.83
CA ILE B 395 -17.17 -1.54 -23.76
C ILE B 395 -17.62 -2.14 -22.43
N SER B 396 -16.64 -2.71 -21.71
CA SER B 396 -16.89 -3.44 -20.47
C SER B 396 -16.76 -2.56 -19.22
N ASP B 397 -15.81 -1.63 -19.24
CA ASP B 397 -15.54 -0.76 -18.09
C ASP B 397 -14.70 0.46 -18.48
N PHE B 398 -14.81 1.58 -17.77
CA PHE B 398 -13.87 2.68 -18.00
C PHE B 398 -13.49 3.38 -16.69
N SER B 399 -12.44 4.20 -16.72
CA SER B 399 -11.96 4.87 -15.50
C SER B 399 -11.27 6.21 -15.74
N TRP B 400 -11.83 7.25 -15.12
CA TRP B 400 -11.21 8.56 -15.18
C TRP B 400 -9.84 8.53 -14.52
N ASN B 401 -8.84 9.15 -15.16
CA ASN B 401 -7.54 9.25 -14.50
C ASN B 401 -7.63 10.24 -13.36
N PRO B 402 -7.33 9.79 -12.14
CA PRO B 402 -7.50 10.64 -10.96
C PRO B 402 -6.52 11.82 -10.92
N ASN B 403 -5.43 11.71 -11.68
CA ASN B 403 -4.42 12.75 -11.66
C ASN B 403 -4.27 13.57 -12.95
N GLU B 404 -4.63 12.98 -14.09
CA GLU B 404 -4.52 13.69 -15.34
C GLU B 404 -5.93 13.94 -15.81
N PRO B 405 -6.44 15.17 -15.60
CA PRO B 405 -7.80 15.57 -15.97
C PRO B 405 -8.16 15.19 -17.39
N TRP B 406 -9.39 14.71 -17.58
CA TRP B 406 -9.93 14.38 -18.89
C TRP B 406 -9.31 13.13 -19.52
N VAL B 407 -8.29 12.56 -18.90
CA VAL B 407 -7.76 11.31 -19.40
C VAL B 407 -8.57 10.17 -18.81
N ILE B 408 -9.01 9.31 -19.71
CA ILE B 408 -9.89 8.18 -19.44
C ILE B 408 -9.28 6.91 -19.95
N CYS B 409 -9.37 5.85 -19.16
CA CYS B 409 -9.09 4.52 -19.67
C CYS B 409 -10.39 3.77 -19.95
N SER B 410 -10.44 3.01 -21.03
CA SER B 410 -11.63 2.23 -21.37
C SER B 410 -11.28 0.90 -22.03
N VAL B 411 -11.94 -0.18 -21.62
CA VAL B 411 -11.58 -1.53 -22.09
C VAL B 411 -12.76 -2.27 -22.70
N SER B 412 -12.54 -2.93 -23.83
CA SER B 412 -13.64 -3.55 -24.56
C SER B 412 -13.55 -5.06 -24.75
N GLU B 413 -14.57 -5.61 -25.40
CA GLU B 413 -14.71 -7.05 -25.55
C GLU B 413 -13.80 -7.63 -26.64
N ASP B 414 -13.11 -6.75 -27.36
CA ASP B 414 -12.15 -7.19 -28.36
C ASP B 414 -10.72 -6.94 -27.90
N ASN B 415 -10.52 -7.01 -26.58
CA ASN B 415 -9.20 -6.94 -25.92
C ASN B 415 -8.51 -5.60 -26.09
N ILE B 416 -9.18 -4.64 -26.70
CA ILE B 416 -8.58 -3.33 -26.88
C ILE B 416 -8.68 -2.53 -25.60
N MET B 417 -7.52 -2.04 -25.15
CA MET B 417 -7.46 -1.09 -24.06
C MET B 417 -6.96 0.24 -24.62
N GLN B 418 -7.75 1.29 -24.39
CA GLN B 418 -7.37 2.61 -24.85
C GLN B 418 -7.21 3.58 -23.71
N VAL B 419 -6.04 4.19 -23.65
CA VAL B 419 -5.82 5.31 -22.75
C VAL B 419 -5.91 6.54 -23.59
N TRP B 420 -6.87 7.40 -23.31
CA TRP B 420 -7.15 8.50 -24.21
C TRP B 420 -7.63 9.77 -23.53
N GLN B 421 -7.64 10.86 -24.29
CA GLN B 421 -8.04 12.16 -23.83
C GLN B 421 -8.53 13.01 -25.01
N MET B 422 -9.73 13.56 -24.89
CA MET B 422 -10.29 14.40 -25.92
C MET B 422 -9.48 15.69 -26.00
N ALA B 423 -9.60 16.40 -27.13
CA ALA B 423 -8.93 17.68 -27.33
C ALA B 423 -9.46 18.78 -26.40
N GLU B 424 -8.58 19.72 -26.03
CA GLU B 424 -8.94 20.76 -25.06
C GLU B 424 -9.95 21.79 -25.58
N ASN B 425 -9.93 22.08 -26.88
CA ASN B 425 -10.86 23.09 -27.43
C ASN B 425 -12.30 22.63 -27.33
N ILE B 426 -12.50 21.34 -27.12
CA ILE B 426 -13.84 20.77 -26.97
C ILE B 426 -14.46 21.19 -25.65
N TYR B 427 -13.66 21.22 -24.57
CA TYR B 427 -14.24 21.65 -23.30
C TYR B 427 -13.89 23.10 -22.88
N ASN B 428 -13.63 23.97 -23.87
CA ASN B 428 -13.53 25.42 -23.66
C ASN B 428 -14.18 26.20 -24.79
N MET C 1 7.38 -9.78 -1.90
CA MET C 1 7.43 -10.53 -0.65
C MET C 1 8.88 -10.82 -0.22
N SER C 2 9.17 -10.48 1.03
CA SER C 2 10.45 -10.76 1.66
C SER C 2 10.42 -12.00 2.58
N ARG C 3 11.55 -12.27 3.24
CA ARG C 3 11.73 -13.38 4.18
C ARG C 3 12.03 -12.69 5.51
N ARG C 4 11.68 -11.41 5.52
CA ARG C 4 11.83 -10.54 6.67
C ARG C 4 10.47 -10.30 7.29
N LYS C 5 9.45 -10.27 6.43
CA LYS C 5 8.10 -9.97 6.84
C LYS C 5 7.24 -11.22 6.78
N GLN C 6 6.58 -11.53 7.89
CA GLN C 6 5.74 -12.73 7.89
C GLN C 6 4.59 -12.69 6.92
N ALA C 7 4.06 -13.89 6.70
CA ALA C 7 2.93 -14.05 5.83
C ALA C 7 1.69 -13.71 6.62
N LYS C 8 1.50 -14.35 7.77
CA LYS C 8 0.29 -14.15 8.55
C LYS C 8 0.53 -13.72 10.00
N PRO C 9 0.59 -12.41 10.25
CA PRO C 9 0.55 -11.92 11.63
C PRO C 9 -0.77 -12.16 12.34
N GLN C 10 -0.68 -12.24 13.67
CA GLN C 10 -1.79 -12.62 14.52
C GLN C 10 -2.17 -11.47 15.45
N HIS C 11 -3.44 -11.41 15.79
CA HIS C 11 -3.96 -10.35 16.62
C HIS C 11 -3.94 -10.78 18.05
N ILE C 12 -3.71 -9.84 18.96
CA ILE C 12 -3.74 -10.14 20.37
C ILE C 12 -4.86 -9.39 21.09
N MET D 1 -28.86 -15.17 -17.45
CA MET D 1 -28.79 -13.72 -17.40
C MET D 1 -27.38 -13.19 -17.63
N SER D 2 -26.53 -13.97 -18.28
CA SER D 2 -25.19 -13.47 -18.60
C SER D 2 -25.16 -12.91 -20.03
N ARG D 3 -25.76 -11.73 -20.16
CA ARG D 3 -25.79 -11.02 -21.43
C ARG D 3 -25.07 -9.68 -21.15
N ARG D 4 -24.26 -9.71 -20.09
CA ARG D 4 -23.38 -8.60 -19.78
C ARG D 4 -21.96 -8.97 -20.24
N LYS D 5 -21.58 -10.23 -20.08
CA LYS D 5 -20.29 -10.73 -20.58
C LYS D 5 -20.50 -11.83 -21.62
N GLN D 6 -19.82 -11.69 -22.76
CA GLN D 6 -19.92 -12.60 -23.89
C GLN D 6 -19.52 -14.03 -23.56
N ALA D 7 -20.00 -14.98 -24.35
CA ALA D 7 -19.45 -16.32 -24.31
C ALA D 7 -18.33 -16.38 -25.35
N LYS D 8 -17.30 -17.16 -25.06
CA LYS D 8 -16.12 -17.26 -25.93
C LYS D 8 -15.50 -15.89 -26.21
N PRO D 9 -14.66 -15.44 -25.27
CA PRO D 9 -13.78 -14.31 -25.53
C PRO D 9 -12.57 -14.78 -26.32
N GLN D 10 -11.90 -13.89 -27.03
CA GLN D 10 -10.87 -14.31 -27.98
C GLN D 10 -9.51 -13.79 -27.51
N HIS D 11 -8.46 -14.57 -27.81
CA HIS D 11 -7.07 -14.30 -27.45
C HIS D 11 -6.24 -13.55 -28.52
N ILE D 12 -5.35 -12.66 -28.08
CA ILE D 12 -4.42 -11.96 -28.98
C ILE D 12 -2.98 -12.32 -28.63
#